data_8S6Y
#
_entry.id   8S6Y
#
_cell.length_a   120.957
_cell.length_b   120.957
_cell.length_c   155.520
_cell.angle_alpha   90.000
_cell.angle_beta   90.000
_cell.angle_gamma   120.000
#
_symmetry.space_group_name_H-M   'P 32 2 1'
#
loop_
_entity.id
_entity.type
_entity.pdbx_description
1 polymer 'Transcriptional enhancer factor TEF-1'
2 non-polymer 1-[7-[3-fluoranyl-4-(trifluoromethyl)phenoxy]-3,4-dihydro-1~{H}-isoquinolin-2-yl]propan-1-one
3 non-polymer 1,2-ETHANEDIOL
4 non-polymer 'SULFATE ION'
5 non-polymer GLYCEROL
6 non-polymer DI(HYDROXYETHYL)ETHER
7 water water
#
_entity_poly.entity_id   1
_entity_poly.type   'polypeptide(L)'
_entity_poly.pdbx_seq_one_letter_code
;GRSIGTTKLRLVEFSAFLEQQRDPDSYNKHLFVHIGHHCPSAPPLESVDIRQIYDKFPEKKGGLKELFGKGPQNAFFLVK
FWADLNCNIQDDAGAFYGVTSQYESSENMTVTCSTKVCSFGKQVVEKVETEYARFENGRFVYRINRSPMCEYMINFIHKL
KHLPEKYMMNSVLENFTILLVVTNRDTQETLLCMACVFEVSNSEHGAQHHIYRLVKD
;
_entity_poly.pdbx_strand_id   AAA,BBB,CCC,DDD
#
# COMPACT_ATOMS: atom_id res chain seq x y z
N ARG A 2 -26.22 -11.43 8.89
CA ARG A 2 -25.23 -10.64 9.72
C ARG A 2 -23.80 -11.12 9.44
N SER A 3 -22.81 -10.63 10.19
CA SER A 3 -21.36 -10.92 10.03
C SER A 3 -20.71 -11.19 11.39
N ILE A 4 -19.41 -11.52 11.39
CA ILE A 4 -18.59 -11.73 12.62
C ILE A 4 -18.20 -10.35 13.15
N GLY A 5 -18.93 -9.86 14.16
CA GLY A 5 -18.68 -8.55 14.76
C GLY A 5 -19.63 -8.22 15.90
N THR A 6 -19.25 -7.21 16.68
CA THR A 6 -20.06 -6.59 17.76
C THR A 6 -20.06 -5.07 17.50
N THR A 7 -20.58 -4.28 18.44
CA THR A 7 -20.50 -2.79 18.41
C THR A 7 -19.05 -2.34 18.68
N LYS A 8 -18.22 -3.19 19.30
CA LYS A 8 -16.85 -2.84 19.77
C LYS A 8 -15.78 -3.32 18.78
N LEU A 9 -16.02 -4.37 17.99
CA LEU A 9 -15.04 -4.88 16.99
C LEU A 9 -15.74 -5.74 15.92
N ARG A 10 -15.31 -5.63 14.66
CA ARG A 10 -15.88 -6.36 13.50
C ARG A 10 -14.74 -6.93 12.66
N LEU A 11 -14.82 -8.22 12.30
CA LEU A 11 -13.91 -8.86 11.31
C LEU A 11 -14.28 -8.31 9.92
N VAL A 12 -13.32 -7.71 9.23
CA VAL A 12 -13.46 -7.16 7.85
C VAL A 12 -12.98 -8.22 6.85
N GLU A 13 -11.83 -8.83 7.12
CA GLU A 13 -11.14 -9.76 6.20
C GLU A 13 -10.39 -10.83 6.99
N PHE A 14 -10.49 -12.08 6.54
CA PHE A 14 -9.64 -13.23 6.96
C PHE A 14 -9.29 -14.03 5.70
N SER A 15 -8.00 -14.23 5.44
CA SER A 15 -7.46 -14.98 4.28
C SER A 15 -6.28 -15.85 4.72
N ALA A 16 -6.31 -17.16 4.45
CA ALA A 16 -5.16 -18.08 4.51
C ALA A 16 -4.79 -18.46 3.08
N PHE A 17 -3.51 -18.34 2.71
CA PHE A 17 -3.07 -18.41 1.29
C PHE A 17 -1.71 -19.07 1.15
N LEU A 18 -1.40 -19.41 -0.11
CA LEU A 18 -0.07 -19.87 -0.59
C LEU A 18 0.33 -18.98 -1.78
N GLU A 19 1.42 -18.23 -1.64
CA GLU A 19 2.07 -17.45 -2.73
C GLU A 19 3.21 -18.29 -3.31
N GLN A 20 3.36 -18.29 -4.65
CA GLN A 20 4.47 -18.99 -5.37
C GLN A 20 5.03 -18.02 -6.41
N GLN A 21 6.35 -17.76 -6.36
CA GLN A 21 7.12 -16.96 -7.36
C GLN A 21 8.01 -17.94 -8.13
N ARG A 22 7.49 -18.50 -9.23
CA ARG A 22 8.16 -19.51 -10.07
C ARG A 22 9.43 -18.90 -10.70
N ASP A 23 9.35 -17.63 -11.14
CA ASP A 23 10.47 -16.91 -11.81
C ASP A 23 10.23 -15.41 -11.63
N PRO A 24 11.17 -14.51 -12.03
CA PRO A 24 10.96 -13.07 -11.89
C PRO A 24 9.71 -12.50 -12.58
N ASP A 25 9.13 -13.21 -13.56
CA ASP A 25 7.97 -12.72 -14.36
C ASP A 25 6.66 -13.39 -13.93
N SER A 26 6.69 -14.33 -12.98
CA SER A 26 5.55 -15.25 -12.67
C SER A 26 5.27 -15.25 -11.16
N TYR A 27 4.10 -14.78 -10.76
CA TYR A 27 3.59 -14.81 -9.37
C TYR A 27 2.17 -15.40 -9.36
N ASN A 28 1.89 -16.24 -8.37
CA ASN A 28 0.58 -16.92 -8.17
C ASN A 28 0.22 -16.82 -6.69
N LYS A 29 -1.06 -16.60 -6.38
CA LYS A 29 -1.60 -16.63 -4.99
C LYS A 29 -2.87 -17.49 -4.99
N HIS A 30 -2.88 -18.53 -4.16
CA HIS A 30 -4.03 -19.44 -3.92
C HIS A 30 -4.60 -19.19 -2.53
N LEU A 31 -5.91 -18.97 -2.41
CA LEU A 31 -6.63 -18.87 -1.11
C LEU A 31 -7.13 -20.26 -0.70
N PHE A 32 -6.78 -20.70 0.51
CA PHE A 32 -7.29 -21.95 1.14
C PHE A 32 -8.69 -21.68 1.72
N VAL A 33 -8.80 -20.64 2.54
CA VAL A 33 -10.07 -20.16 3.17
C VAL A 33 -10.08 -18.63 3.11
N HIS A 34 -11.27 -18.03 3.12
N HIS A 34 -11.27 -18.03 3.13
CA HIS A 34 -11.46 -16.56 3.05
CA HIS A 34 -11.47 -16.56 3.04
C HIS A 34 -12.83 -16.14 3.62
C HIS A 34 -12.82 -16.17 3.66
N ILE A 35 -12.85 -15.07 4.40
CA ILE A 35 -14.10 -14.36 4.87
C ILE A 35 -13.92 -12.88 4.50
N GLY A 36 -14.96 -12.27 3.90
CA GLY A 36 -15.02 -10.82 3.61
C GLY A 36 -16.33 -10.23 4.11
N HIS A 37 -16.30 -9.00 4.62
CA HIS A 37 -17.49 -8.23 5.12
C HIS A 37 -17.97 -7.26 4.04
N ALA A 42 -30.51 -10.38 4.18
CA ALA A 42 -30.11 -11.70 4.73
C ALA A 42 -30.72 -11.90 6.12
N PRO A 43 -31.02 -13.16 6.53
CA PRO A 43 -31.64 -13.41 7.84
C PRO A 43 -30.65 -13.29 8.99
N PRO A 44 -31.11 -13.33 10.27
CA PRO A 44 -30.20 -13.37 11.41
C PRO A 44 -29.40 -14.69 11.44
N LEU A 45 -28.18 -14.65 11.99
CA LEU A 45 -27.25 -15.81 12.06
C LEU A 45 -27.90 -16.93 12.86
N GLU A 46 -27.75 -18.18 12.40
CA GLU A 46 -28.17 -19.41 13.12
C GLU A 46 -27.35 -19.51 14.43
N SER A 47 -27.94 -20.14 15.45
CA SER A 47 -27.31 -20.40 16.77
C SER A 47 -26.84 -21.86 16.86
N VAL A 48 -25.75 -22.10 17.60
CA VAL A 48 -25.20 -23.45 17.92
C VAL A 48 -24.91 -23.47 19.43
N ASP A 49 -25.28 -24.57 20.10
CA ASP A 49 -25.02 -24.78 21.55
C ASP A 49 -23.52 -25.01 21.73
N ILE A 50 -22.86 -24.16 22.53
CA ILE A 50 -21.39 -24.20 22.77
C ILE A 50 -20.97 -25.51 23.45
N ARG A 51 -21.88 -26.16 24.20
CA ARG A 51 -21.67 -27.47 24.86
C ARG A 51 -21.24 -28.53 23.83
N GLN A 52 -21.73 -28.43 22.58
CA GLN A 52 -21.39 -29.36 21.47
C GLN A 52 -19.90 -29.33 21.12
N ILE A 53 -19.18 -28.22 21.38
CA ILE A 53 -17.80 -27.97 20.85
C ILE A 53 -16.76 -27.83 21.97
N TYR A 54 -17.14 -27.89 23.26
CA TYR A 54 -16.22 -27.67 24.41
C TYR A 54 -15.03 -28.64 24.37
N ASP A 55 -15.26 -29.89 24.00
CA ASP A 55 -14.22 -30.96 23.95
C ASP A 55 -13.24 -30.73 22.78
N LYS A 56 -13.63 -29.92 21.79
CA LYS A 56 -12.82 -29.64 20.55
C LYS A 56 -11.81 -28.50 20.81
N PHE A 57 -11.82 -27.86 21.99
CA PHE A 57 -10.94 -26.71 22.35
C PHE A 57 -10.42 -26.88 23.78
N PRO A 58 -9.31 -26.21 24.18
CA PRO A 58 -8.75 -26.37 25.52
C PRO A 58 -9.70 -25.81 26.59
N GLU A 59 -9.78 -26.48 27.74
CA GLU A 59 -10.71 -26.15 28.86
C GLU A 59 -10.00 -26.18 30.21
N LYS A 60 -8.77 -25.65 30.28
CA LYS A 60 -8.06 -25.34 31.54
C LYS A 60 -8.25 -23.84 31.82
N LYS A 61 -7.29 -23.20 32.51
CA LYS A 61 -7.29 -21.73 32.78
C LYS A 61 -7.16 -20.98 31.45
N GLY A 62 -8.09 -20.05 31.19
CA GLY A 62 -8.16 -19.26 29.94
C GLY A 62 -8.79 -20.02 28.78
N GLY A 63 -9.46 -21.15 29.06
CA GLY A 63 -10.11 -22.01 28.05
C GLY A 63 -11.43 -21.44 27.58
N LEU A 64 -12.09 -22.13 26.64
CA LEU A 64 -13.27 -21.61 25.90
C LEU A 64 -14.46 -21.45 26.86
N LYS A 65 -14.70 -22.41 27.75
CA LYS A 65 -15.81 -22.38 28.74
C LYS A 65 -15.63 -21.17 29.67
N GLU A 66 -14.42 -20.99 30.20
CA GLU A 66 -14.03 -19.86 31.07
C GLU A 66 -14.24 -18.54 30.32
N LEU A 67 -13.76 -18.44 29.08
CA LEU A 67 -13.87 -17.22 28.22
C LEU A 67 -15.36 -16.92 27.97
N PHE A 68 -16.14 -17.93 27.57
CA PHE A 68 -17.60 -17.78 27.28
C PHE A 68 -18.36 -17.37 28.54
N GLY A 69 -17.97 -17.91 29.70
CA GLY A 69 -18.55 -17.59 31.01
C GLY A 69 -18.39 -16.12 31.36
N LYS A 70 -17.19 -15.57 31.17
CA LYS A 70 -16.87 -14.13 31.40
C LYS A 70 -17.62 -13.26 30.40
N GLY A 71 -17.83 -13.75 29.18
CA GLY A 71 -18.61 -13.06 28.12
C GLY A 71 -17.82 -11.89 27.53
N PRO A 72 -18.46 -10.97 26.77
CA PRO A 72 -19.88 -11.06 26.43
C PRO A 72 -20.16 -12.16 25.40
N GLN A 73 -21.31 -12.83 25.51
CA GLN A 73 -21.68 -14.01 24.71
C GLN A 73 -21.83 -13.66 23.22
N ASN A 74 -22.21 -12.40 22.91
CA ASN A 74 -22.42 -11.92 21.51
C ASN A 74 -21.09 -11.79 20.75
N ALA A 75 -19.95 -11.91 21.43
CA ALA A 75 -18.59 -11.88 20.82
C ALA A 75 -18.15 -13.27 20.32
N PHE A 76 -18.90 -14.33 20.59
CA PHE A 76 -18.49 -15.75 20.39
C PHE A 76 -19.22 -16.34 19.19
N PHE A 77 -18.43 -16.85 18.23
CA PHE A 77 -18.92 -17.38 16.92
C PHE A 77 -18.25 -18.74 16.63
N LEU A 78 -19.02 -19.64 16.02
CA LEU A 78 -18.51 -20.88 15.37
C LEU A 78 -18.39 -20.58 13.87
N VAL A 79 -17.22 -20.82 13.28
CA VAL A 79 -16.98 -20.69 11.82
C VAL A 79 -16.64 -22.07 11.26
N LYS A 80 -17.54 -22.61 10.42
CA LYS A 80 -17.29 -23.85 9.63
C LYS A 80 -16.65 -23.43 8.31
N PHE A 81 -15.43 -23.93 8.03
CA PHE A 81 -14.66 -23.65 6.79
C PHE A 81 -14.68 -24.90 5.91
N TRP A 82 -14.89 -24.69 4.61
CA TRP A 82 -14.59 -25.68 3.53
C TRP A 82 -13.34 -25.17 2.80
N ALA A 83 -12.21 -25.82 3.02
CA ALA A 83 -10.88 -25.35 2.56
C ALA A 83 -10.69 -25.77 1.11
N ASP A 84 -10.19 -24.84 0.29
CA ASP A 84 -9.79 -25.09 -1.12
C ASP A 84 -8.35 -25.61 -1.11
N LEU A 85 -8.17 -26.92 -1.28
CA LEU A 85 -6.84 -27.58 -1.36
C LEU A 85 -6.49 -27.90 -2.83
N ASN A 86 -7.30 -27.44 -3.80
CA ASN A 86 -7.01 -27.57 -5.25
C ASN A 86 -5.96 -26.52 -5.61
N CYS A 87 -4.69 -26.86 -5.37
N CYS A 87 -4.69 -26.87 -5.39
CA CYS A 87 -3.51 -26.00 -5.66
CA CYS A 87 -3.51 -26.02 -5.65
C CYS A 87 -2.30 -26.90 -5.90
C CYS A 87 -2.31 -26.92 -5.90
N ASN A 88 -1.52 -26.56 -6.91
CA ASN A 88 -0.26 -27.25 -7.26
C ASN A 88 0.85 -26.65 -6.41
N ILE A 89 1.16 -27.31 -5.28
CA ILE A 89 2.38 -27.03 -4.47
C ILE A 89 3.54 -27.53 -5.34
N GLN A 90 3.94 -26.71 -6.32
CA GLN A 90 4.82 -27.10 -7.47
C GLN A 90 6.14 -27.57 -6.84
N ASP A 91 6.59 -26.76 -5.89
CA ASP A 91 7.53 -27.09 -4.79
C ASP A 91 7.28 -26.01 -3.73
N ASP A 92 8.00 -26.05 -2.61
CA ASP A 92 8.16 -24.87 -1.72
C ASP A 92 9.17 -23.89 -2.33
N ALA A 93 9.73 -24.17 -3.52
CA ALA A 93 10.49 -23.26 -4.43
C ALA A 93 9.83 -21.88 -4.49
N GLY A 94 10.39 -20.91 -3.76
CA GLY A 94 9.88 -19.53 -3.65
C GLY A 94 8.41 -19.50 -3.23
N ALA A 95 8.06 -20.31 -2.22
CA ALA A 95 6.68 -20.47 -1.70
C ALA A 95 6.57 -19.77 -0.35
N PHE A 96 5.46 -19.07 -0.12
CA PHE A 96 5.12 -18.44 1.18
C PHE A 96 3.69 -18.81 1.58
N TYR A 97 3.55 -19.48 2.73
CA TYR A 97 2.25 -19.78 3.37
C TYR A 97 1.97 -18.70 4.40
N GLY A 98 0.82 -18.01 4.27
CA GLY A 98 0.51 -16.82 5.06
C GLY A 98 -0.94 -16.72 5.45
N VAL A 99 -1.22 -15.87 6.45
CA VAL A 99 -2.59 -15.49 6.90
C VAL A 99 -2.65 -13.96 6.98
N THR A 100 -3.66 -13.36 6.35
N THR A 100 -3.65 -13.36 6.33
CA THR A 100 -3.98 -11.92 6.48
CA THR A 100 -4.00 -11.91 6.45
C THR A 100 -5.33 -11.78 7.20
C THR A 100 -5.33 -11.80 7.22
N SER A 101 -5.42 -10.87 8.17
CA SER A 101 -6.69 -10.54 8.89
C SER A 101 -6.79 -9.01 9.04
N GLN A 102 -8.01 -8.50 8.95
CA GLN A 102 -8.32 -7.07 9.20
C GLN A 102 -9.58 -6.98 10.06
N TYR A 103 -9.51 -6.19 11.13
CA TYR A 103 -10.63 -5.84 12.04
C TYR A 103 -10.82 -4.32 12.00
N GLU A 104 -12.02 -3.86 12.32
CA GLU A 104 -12.36 -2.42 12.45
C GLU A 104 -13.15 -2.20 13.74
N SER A 105 -13.00 -1.01 14.34
CA SER A 105 -13.75 -0.55 15.54
C SER A 105 -13.91 0.97 15.50
N SER A 106 -14.92 1.48 16.24
N SER A 106 -14.92 1.48 16.24
CA SER A 106 -15.15 2.92 16.50
CA SER A 106 -15.15 2.92 16.50
C SER A 106 -14.16 3.43 17.56
C SER A 106 -14.16 3.43 17.56
N GLU A 107 -13.67 2.54 18.42
CA GLU A 107 -12.76 2.86 19.56
C GLU A 107 -11.32 2.57 19.16
N ASN A 108 -10.37 3.37 19.69
CA ASN A 108 -8.90 3.15 19.58
C ASN A 108 -8.46 2.27 20.74
N MET A 109 -7.95 1.07 20.43
CA MET A 109 -7.54 0.05 21.44
C MET A 109 -6.20 -0.55 21.03
N THR A 110 -5.47 -1.08 22.00
CA THR A 110 -4.39 -2.08 21.80
C THR A 110 -5.07 -3.46 21.83
N VAL A 111 -5.13 -4.16 20.69
CA VAL A 111 -5.79 -5.50 20.58
C VAL A 111 -4.71 -6.58 20.51
N THR A 112 -4.91 -7.65 21.28
CA THR A 112 -4.10 -8.90 21.25
C THR A 112 -4.93 -9.97 20.54
N CYS A 113 -4.38 -10.52 19.45
N CYS A 113 -4.41 -10.51 19.42
CA CYS A 113 -4.97 -11.63 18.66
CA CYS A 113 -5.00 -11.65 18.67
C CYS A 113 -4.26 -12.93 19.02
C CYS A 113 -4.26 -12.93 19.04
N SER A 114 -4.94 -13.83 19.72
N SER A 114 -4.92 -13.85 19.76
CA SER A 114 -4.44 -15.18 20.09
CA SER A 114 -4.37 -15.18 20.09
C SER A 114 -4.97 -16.20 19.08
C SER A 114 -4.95 -16.21 19.12
N THR A 115 -4.07 -16.95 18.43
CA THR A 115 -4.42 -18.05 17.50
C THR A 115 -3.90 -19.35 18.12
N LYS A 116 -4.81 -20.25 18.50
CA LYS A 116 -4.49 -21.59 19.07
C LYS A 116 -4.89 -22.66 18.05
N VAL A 117 -3.91 -23.38 17.50
CA VAL A 117 -4.14 -24.62 16.69
C VAL A 117 -4.30 -25.77 17.68
N CYS A 118 -5.38 -26.55 17.56
CA CYS A 118 -5.77 -27.61 18.51
C CYS A 118 -5.95 -28.94 17.77
N SER A 119 -5.36 -30.01 18.32
CA SER A 119 -5.52 -31.42 17.88
C SER A 119 -6.16 -32.21 19.03
N PHE A 120 -7.37 -32.73 18.82
CA PHE A 120 -8.20 -33.45 19.82
C PHE A 120 -8.43 -32.57 21.05
N GLY A 121 -8.66 -31.27 20.84
CA GLY A 121 -8.99 -30.29 21.91
C GLY A 121 -7.78 -29.85 22.74
N LYS A 122 -6.57 -30.25 22.35
CA LYS A 122 -5.30 -29.91 23.04
C LYS A 122 -4.52 -28.94 22.16
N GLN A 123 -4.02 -27.84 22.76
CA GLN A 123 -3.19 -26.82 22.07
C GLN A 123 -1.91 -27.49 21.55
N VAL A 124 -1.63 -27.33 20.26
CA VAL A 124 -0.40 -27.83 19.57
C VAL A 124 0.53 -26.65 19.30
N VAL A 125 -0.01 -25.47 18.96
CA VAL A 125 0.77 -24.22 18.82
C VAL A 125 -0.15 -23.04 19.15
N GLU A 126 0.41 -22.01 19.78
CA GLU A 126 -0.25 -20.69 19.97
C GLU A 126 0.63 -19.62 19.33
N LYS A 127 0.01 -18.72 18.56
CA LYS A 127 0.64 -17.47 18.06
C LYS A 127 -0.14 -16.30 18.67
N VAL A 128 0.60 -15.37 19.30
CA VAL A 128 0.04 -14.13 19.92
C VAL A 128 0.60 -12.94 19.13
N GLU A 129 -0.28 -12.10 18.59
CA GLU A 129 0.06 -10.91 17.78
C GLU A 129 -0.68 -9.71 18.38
N THR A 130 0.06 -8.65 18.74
CA THR A 130 -0.48 -7.37 19.25
C THR A 130 -0.57 -6.39 18.06
N GLU A 131 -1.74 -5.76 17.91
CA GLU A 131 -2.01 -4.82 16.79
C GLU A 131 -2.49 -3.48 17.35
N TYR A 132 -2.00 -2.40 16.73
CA TYR A 132 -2.31 -0.99 17.08
C TYR A 132 -3.07 -0.37 15.91
N ALA A 133 -4.04 0.49 16.23
CA ALA A 133 -5.04 1.02 15.28
C ALA A 133 -4.37 1.95 14.25
N ARG A 134 -4.92 2.01 13.04
N ARG A 134 -4.93 1.99 13.04
CA ARG A 134 -4.70 3.06 12.03
CA ARG A 134 -4.70 3.02 12.00
C ARG A 134 -6.06 3.59 11.60
C ARG A 134 -6.08 3.58 11.61
N PHE A 135 -6.27 4.90 11.72
CA PHE A 135 -7.57 5.55 11.41
C PHE A 135 -7.70 5.75 9.90
N GLU A 136 -8.50 4.88 9.26
CA GLU A 136 -8.69 4.82 7.79
C GLU A 136 -10.19 4.84 7.49
N ASN A 137 -10.62 5.75 6.61
CA ASN A 137 -12.01 5.82 6.07
C ASN A 137 -13.03 5.87 7.22
N GLY A 138 -12.74 6.67 8.26
CA GLY A 138 -13.69 7.02 9.34
C GLY A 138 -13.84 5.93 10.39
N ARG A 139 -12.80 5.11 10.61
CA ARG A 139 -12.81 4.02 11.63
C ARG A 139 -11.38 3.55 11.93
N PHE A 140 -11.16 2.98 13.11
CA PHE A 140 -9.86 2.41 13.56
C PHE A 140 -9.72 1.00 12.98
N VAL A 141 -8.66 0.76 12.21
CA VAL A 141 -8.41 -0.50 11.44
C VAL A 141 -7.21 -1.22 12.06
N TYR A 142 -7.33 -2.53 12.27
CA TYR A 142 -6.29 -3.44 12.83
C TYR A 142 -5.97 -4.51 11.78
N ARG A 143 -4.79 -4.44 11.18
CA ARG A 143 -4.37 -5.29 10.03
C ARG A 143 -3.11 -6.08 10.40
N ILE A 144 -3.22 -7.41 10.43
CA ILE A 144 -2.07 -8.36 10.37
C ILE A 144 -1.93 -8.73 8.88
N ASN A 145 -0.89 -8.23 8.21
CA ASN A 145 -0.88 -8.09 6.73
C ASN A 145 -0.40 -9.37 6.00
N ARG A 146 0.43 -10.23 6.61
CA ARG A 146 1.14 -11.34 5.90
C ARG A 146 1.80 -12.27 6.94
N SER A 147 1.02 -12.74 7.91
CA SER A 147 1.52 -13.54 9.06
C SER A 147 1.94 -14.91 8.54
N PRO A 148 3.22 -15.33 8.71
CA PRO A 148 3.68 -16.60 8.16
C PRO A 148 3.03 -17.79 8.88
N MET A 149 2.62 -18.81 8.15
CA MET A 149 2.10 -20.08 8.74
C MET A 149 3.25 -20.78 9.47
N CYS A 150 2.96 -21.40 10.62
CA CYS A 150 3.90 -22.26 11.36
C CYS A 150 4.11 -23.56 10.58
N GLU A 151 5.24 -24.23 10.81
CA GLU A 151 5.65 -25.44 10.08
C GLU A 151 4.62 -26.56 10.32
N TYR A 152 4.04 -26.62 11.51
CA TYR A 152 2.97 -27.60 11.87
C TYR A 152 1.85 -27.53 10.82
N MET A 153 1.37 -26.31 10.52
CA MET A 153 0.24 -26.08 9.59
C MET A 153 0.66 -26.38 8.15
N ILE A 154 1.87 -26.01 7.74
CA ILE A 154 2.40 -26.27 6.37
C ILE A 154 2.48 -27.78 6.17
N ASN A 155 3.05 -28.50 7.14
N ASN A 155 3.05 -28.50 7.14
CA ASN A 155 3.20 -29.98 7.12
CA ASN A 155 3.20 -29.98 7.12
C ASN A 155 1.82 -30.64 7.11
C ASN A 155 1.82 -30.64 7.11
N PHE A 156 0.87 -30.15 7.92
CA PHE A 156 -0.52 -30.67 8.02
C PHE A 156 -1.23 -30.58 6.65
N ILE A 157 -1.13 -29.43 5.98
CA ILE A 157 -1.74 -29.20 4.64
C ILE A 157 -1.14 -30.20 3.64
N HIS A 158 0.18 -30.39 3.65
CA HIS A 158 0.92 -31.37 2.79
C HIS A 158 0.38 -32.79 3.02
N LYS A 159 0.27 -33.21 4.28
CA LYS A 159 -0.18 -34.57 4.69
C LYS A 159 -1.63 -34.81 4.23
N LEU A 160 -2.52 -33.82 4.41
CA LEU A 160 -3.94 -33.92 3.96
C LEU A 160 -4.00 -34.12 2.44
N LYS A 161 -3.27 -33.32 1.66
CA LYS A 161 -3.28 -33.37 0.17
C LYS A 161 -2.73 -34.71 -0.34
N HIS A 162 -1.91 -35.41 0.45
CA HIS A 162 -1.35 -36.74 0.11
C HIS A 162 -2.43 -37.84 0.17
N LEU A 163 -3.54 -37.62 0.90
CA LEU A 163 -4.65 -38.62 1.01
C LEU A 163 -5.40 -38.69 -0.32
N PRO A 164 -5.72 -39.90 -0.85
CA PRO A 164 -6.35 -40.03 -2.17
C PRO A 164 -7.83 -39.64 -2.27
N GLU A 165 -8.56 -39.52 -1.15
CA GLU A 165 -10.04 -39.28 -1.14
C GLU A 165 -10.39 -38.20 -0.11
N LYS A 166 -11.35 -37.34 -0.45
CA LYS A 166 -11.75 -36.16 0.37
C LYS A 166 -12.38 -36.62 1.69
N TYR A 167 -13.10 -37.75 1.71
CA TYR A 167 -13.74 -38.31 2.94
C TYR A 167 -12.65 -38.55 4.00
N MET A 168 -11.46 -39.01 3.58
CA MET A 168 -10.30 -39.29 4.47
C MET A 168 -9.79 -37.98 5.07
N MET A 169 -9.71 -36.92 4.26
CA MET A 169 -9.26 -35.57 4.71
C MET A 169 -10.25 -35.04 5.75
N ASN A 170 -11.55 -35.17 5.48
CA ASN A 170 -12.64 -34.70 6.39
C ASN A 170 -12.56 -35.47 7.73
N SER A 171 -12.29 -36.78 7.69
CA SER A 171 -12.13 -37.66 8.88
C SER A 171 -11.00 -37.13 9.78
N VAL A 172 -9.84 -36.81 9.19
CA VAL A 172 -8.67 -36.25 9.92
C VAL A 172 -9.07 -34.90 10.52
N LEU A 173 -9.79 -34.07 9.76
CA LEU A 173 -10.15 -32.68 10.15
C LEU A 173 -11.21 -32.66 11.26
N GLU A 174 -11.92 -33.76 11.52
CA GLU A 174 -12.90 -33.86 12.65
C GLU A 174 -12.25 -33.50 13.99
N ASN A 175 -10.95 -33.76 14.16
CA ASN A 175 -10.20 -33.58 15.43
C ASN A 175 -9.22 -32.39 15.32
N PHE A 176 -9.37 -31.54 14.31
CA PHE A 176 -8.53 -30.33 14.09
C PHE A 176 -9.41 -29.09 14.23
N THR A 177 -9.01 -28.16 15.11
CA THR A 177 -9.69 -26.86 15.30
C THR A 177 -8.67 -25.74 15.45
N ILE A 178 -9.11 -24.51 15.20
CA ILE A 178 -8.34 -23.27 15.48
C ILE A 178 -9.26 -22.34 16.29
N LEU A 179 -8.74 -21.84 17.40
CA LEU A 179 -9.43 -20.85 18.26
C LEU A 179 -8.73 -19.49 18.09
N LEU A 180 -9.46 -18.51 17.55
N LEU A 180 -9.46 -18.52 17.52
CA LEU A 180 -9.03 -17.10 17.40
CA LEU A 180 -9.03 -17.10 17.41
C LEU A 180 -9.73 -16.29 18.50
C LEU A 180 -9.74 -16.31 18.52
N VAL A 181 -8.98 -15.68 19.42
CA VAL A 181 -9.50 -14.78 20.49
C VAL A 181 -8.84 -13.42 20.33
N VAL A 182 -9.64 -12.39 20.03
CA VAL A 182 -9.18 -10.98 19.97
C VAL A 182 -9.61 -10.30 21.27
N THR A 183 -8.63 -9.77 22.01
CA THR A 183 -8.79 -9.19 23.37
C THR A 183 -8.30 -7.74 23.36
N ASN A 184 -9.04 -6.85 24.03
CA ASN A 184 -8.55 -5.50 24.43
C ASN A 184 -7.45 -5.72 25.48
N ARG A 185 -6.19 -5.48 25.12
CA ARG A 185 -4.99 -5.79 25.96
C ARG A 185 -5.05 -5.02 27.29
N ASP A 186 -5.59 -3.80 27.29
CA ASP A 186 -5.63 -2.91 28.49
C ASP A 186 -6.68 -3.40 29.50
N THR A 187 -7.92 -3.65 29.05
CA THR A 187 -9.08 -4.03 29.89
C THR A 187 -9.23 -5.55 30.02
N GLN A 188 -8.58 -6.34 29.14
CA GLN A 188 -8.69 -7.82 29.02
C GLN A 188 -10.12 -8.25 28.65
N GLU A 189 -10.90 -7.36 28.02
CA GLU A 189 -12.25 -7.69 27.49
C GLU A 189 -12.08 -8.53 26.21
N THR A 190 -12.82 -9.64 26.10
CA THR A 190 -12.95 -10.43 24.86
C THR A 190 -13.76 -9.60 23.85
N LEU A 191 -13.15 -9.21 22.73
CA LEU A 191 -13.79 -8.40 21.66
C LEU A 191 -14.44 -9.35 20.66
N LEU A 192 -13.69 -10.35 20.17
CA LEU A 192 -14.19 -11.43 19.29
C LEU A 192 -13.55 -12.76 19.67
N CYS A 193 -14.33 -13.83 19.59
CA CYS A 193 -13.86 -15.24 19.67
C CYS A 193 -14.46 -16.03 18.50
N MET A 194 -13.59 -16.64 17.68
N MET A 194 -13.60 -16.65 17.69
CA MET A 194 -13.98 -17.51 16.55
CA MET A 194 -13.97 -17.50 16.54
C MET A 194 -13.45 -18.92 16.80
C MET A 194 -13.45 -18.92 16.79
N ALA A 195 -14.36 -19.85 17.07
CA ALA A 195 -14.08 -21.31 17.15
C ALA A 195 -14.19 -21.86 15.73
N CYS A 196 -13.07 -22.29 15.13
CA CYS A 196 -12.98 -22.66 13.69
C CYS A 196 -12.91 -24.18 13.53
N VAL A 197 -13.81 -24.75 12.73
CA VAL A 197 -13.84 -26.19 12.34
C VAL A 197 -13.75 -26.27 10.82
N PHE A 198 -13.22 -27.39 10.32
CA PHE A 198 -12.71 -27.52 8.93
C PHE A 198 -13.24 -28.79 8.26
N GLU A 199 -13.65 -28.64 7.00
CA GLU A 199 -13.79 -29.72 5.99
C GLU A 199 -13.05 -29.27 4.73
N VAL A 200 -12.89 -30.16 3.75
CA VAL A 200 -12.32 -29.83 2.42
C VAL A 200 -13.49 -29.53 1.48
N SER A 201 -13.35 -28.49 0.65
CA SER A 201 -14.36 -28.13 -0.37
C SER A 201 -14.33 -29.16 -1.50
N ASN A 202 -15.51 -29.54 -2.02
CA ASN A 202 -15.67 -30.29 -3.30
C ASN A 202 -16.32 -29.38 -4.36
N SER A 203 -16.54 -28.10 -4.03
CA SER A 203 -17.23 -27.10 -4.89
C SER A 203 -16.28 -26.59 -5.98
N GLU A 204 -16.84 -26.22 -7.14
CA GLU A 204 -16.10 -25.58 -8.26
C GLU A 204 -15.75 -24.14 -7.89
N HIS A 205 -16.63 -23.45 -7.15
CA HIS A 205 -16.45 -22.05 -6.66
C HIS A 205 -15.25 -21.93 -5.70
N GLY A 206 -14.88 -23.02 -5.01
CA GLY A 206 -13.66 -23.11 -4.19
C GLY A 206 -13.99 -23.10 -2.72
N ALA A 207 -13.39 -22.18 -1.96
CA ALA A 207 -13.49 -22.10 -0.48
C ALA A 207 -14.88 -21.57 -0.10
N GLN A 208 -15.46 -22.13 0.96
N GLN A 208 -15.46 -22.13 0.95
CA GLN A 208 -16.78 -21.72 1.52
CA GLN A 208 -16.78 -21.73 1.52
C GLN A 208 -16.66 -21.61 3.03
C GLN A 208 -16.66 -21.61 3.03
N HIS A 209 -17.63 -20.94 3.67
CA HIS A 209 -17.74 -20.84 5.14
C HIS A 209 -19.21 -20.65 5.53
N HIS A 210 -19.54 -21.06 6.75
CA HIS A 210 -20.85 -20.84 7.42
C HIS A 210 -20.57 -20.37 8.85
N ILE A 211 -21.11 -19.21 9.22
CA ILE A 211 -20.94 -18.55 10.54
C ILE A 211 -22.18 -18.85 11.40
N TYR A 212 -21.97 -19.19 12.68
CA TYR A 212 -23.02 -19.39 13.69
C TYR A 212 -22.68 -18.60 14.95
N ARG A 213 -23.70 -18.14 15.67
CA ARG A 213 -23.56 -17.60 17.06
C ARG A 213 -23.42 -18.78 18.02
N LEU A 214 -22.52 -18.66 19.01
CA LEU A 214 -22.38 -19.63 20.12
C LEU A 214 -23.28 -19.18 21.28
N VAL A 215 -24.18 -20.05 21.74
CA VAL A 215 -25.16 -19.78 22.83
C VAL A 215 -25.12 -20.94 23.83
N LYS A 216 -25.72 -20.74 25.00
CA LYS A 216 -26.04 -21.81 25.98
C LYS A 216 -27.57 -21.93 26.07
N ASP A 217 -28.05 -23.14 26.37
CA ASP A 217 -29.51 -23.47 26.48
C ASP A 217 -29.80 -23.99 27.90
N ARG B 2 29.77 4.56 -0.73
CA ARG B 2 29.15 3.24 -0.33
C ARG B 2 28.07 3.46 0.73
N SER B 3 27.41 2.38 1.15
CA SER B 3 26.19 2.38 2.00
C SER B 3 26.26 1.26 3.07
N ILE B 4 25.22 1.15 3.91
CA ILE B 4 25.05 0.02 4.88
C ILE B 4 24.53 -1.18 4.09
N GLY B 5 25.44 -2.08 3.72
CA GLY B 5 25.16 -3.11 2.70
C GLY B 5 26.39 -3.94 2.39
N THR B 6 26.14 -5.21 2.06
CA THR B 6 27.13 -6.19 1.52
C THR B 6 26.59 -6.68 0.17
N THR B 7 27.22 -7.70 -0.41
CA THR B 7 26.72 -8.41 -1.62
C THR B 7 25.48 -9.24 -1.26
N LYS B 8 25.29 -9.59 0.02
CA LYS B 8 24.21 -10.51 0.50
C LYS B 8 22.99 -9.73 1.02
N LEU B 9 23.15 -8.51 1.53
CA LEU B 9 22.03 -7.72 2.11
C LEU B 9 22.37 -6.23 2.14
N ARG B 10 21.39 -5.37 1.86
CA ARG B 10 21.53 -3.89 1.80
C ARG B 10 20.36 -3.24 2.55
N LEU B 11 20.65 -2.29 3.44
CA LEU B 11 19.62 -1.45 4.12
C LEU B 11 19.05 -0.48 3.09
N VAL B 12 17.73 -0.50 2.91
CA VAL B 12 16.98 0.40 1.98
C VAL B 12 16.40 1.56 2.81
N GLU B 13 15.79 1.26 3.95
CA GLU B 13 15.11 2.25 4.83
C GLU B 13 15.28 1.83 6.29
N PHE B 14 15.58 2.81 7.14
CA PHE B 14 15.34 2.76 8.61
C PHE B 14 14.69 4.10 9.00
N SER B 15 13.50 4.03 9.60
N SER B 15 13.49 4.03 9.59
CA SER B 15 12.69 5.19 10.02
CA SER B 15 12.68 5.20 10.01
C SER B 15 12.09 4.91 11.39
C SER B 15 12.09 4.91 11.39
N ALA B 16 12.36 5.77 12.38
CA ALA B 16 11.72 5.78 13.71
C ALA B 16 10.84 7.04 13.77
N PHE B 17 9.57 6.88 14.15
CA PHE B 17 8.54 7.93 13.96
C PHE B 17 7.51 7.92 15.07
N LEU B 18 6.75 9.02 15.12
CA LEU B 18 5.55 9.21 15.96
C LEU B 18 4.39 9.61 15.04
N GLU B 19 3.34 8.79 15.00
CA GLU B 19 2.04 9.13 14.36
C GLU B 19 1.10 9.66 15.45
N GLN B 20 0.36 10.72 15.15
CA GLN B 20 -0.66 11.31 16.05
C GLN B 20 -1.94 11.58 15.26
N GLN B 21 -3.05 11.01 15.72
CA GLN B 21 -4.42 11.22 15.20
C GLN B 21 -5.19 12.01 16.25
N ARG B 22 -5.12 13.35 16.20
CA ARG B 22 -5.75 14.29 17.17
C ARG B 22 -7.27 14.13 17.14
N ASP B 23 -7.85 13.95 15.94
CA ASP B 23 -9.30 13.83 15.71
C ASP B 23 -9.50 13.09 14.38
N PRO B 24 -10.75 12.73 13.98
CA PRO B 24 -10.97 12.06 12.71
C PRO B 24 -10.48 12.78 11.44
N ASP B 25 -10.24 14.09 11.50
CA ASP B 25 -9.86 14.93 10.34
C ASP B 25 -8.35 15.27 10.36
N SER B 26 -7.61 14.89 11.40
CA SER B 26 -6.24 15.38 11.67
C SER B 26 -5.27 14.20 11.88
N TYR B 27 -4.29 14.04 10.99
CA TYR B 27 -3.21 13.03 11.09
C TYR B 27 -1.86 13.73 10.89
N ASN B 28 -0.88 13.35 11.71
CA ASN B 28 0.51 13.87 11.66
C ASN B 28 1.47 12.68 11.81
N LYS B 29 2.57 12.70 11.06
CA LYS B 29 3.68 11.73 11.21
C LYS B 29 4.98 12.52 11.31
N HIS B 30 5.70 12.32 12.41
CA HIS B 30 7.00 12.96 12.73
C HIS B 30 8.10 11.88 12.69
N LEU B 31 9.18 12.12 11.93
CA LEU B 31 10.39 11.23 11.93
C LEU B 31 11.37 11.73 13.00
N PHE B 32 11.81 10.84 13.89
CA PHE B 32 12.89 11.09 14.88
C PHE B 32 14.25 10.93 14.21
N VAL B 33 14.46 9.78 13.56
CA VAL B 33 15.69 9.44 12.78
C VAL B 33 15.25 8.76 11.48
N HIS B 34 16.10 8.84 10.45
N HIS B 34 16.08 8.85 10.44
CA HIS B 34 15.85 8.24 9.12
CA HIS B 34 15.83 8.24 9.10
C HIS B 34 17.18 7.99 8.40
C HIS B 34 17.14 8.01 8.36
N ILE B 35 17.31 6.81 7.79
CA ILE B 35 18.35 6.48 6.77
C ILE B 35 17.60 5.93 5.54
N GLY B 36 17.93 6.45 4.35
CA GLY B 36 17.51 5.87 3.05
C GLY B 36 18.74 5.49 2.26
N HIS B 37 18.65 4.43 1.43
CA HIS B 37 19.67 4.12 0.40
C HIS B 37 19.45 5.02 -0.82
N HIS B 38 20.54 5.61 -1.32
CA HIS B 38 20.57 6.55 -2.48
C HIS B 38 21.70 6.14 -3.44
N CYS B 39 21.46 6.28 -4.75
CA CYS B 39 22.45 6.04 -5.84
C CYS B 39 23.61 7.03 -5.67
N PRO B 40 24.86 6.55 -5.40
CA PRO B 40 25.98 7.46 -5.16
C PRO B 40 26.40 8.20 -6.44
N SER B 41 26.79 9.47 -6.31
CA SER B 41 27.19 10.37 -7.42
C SER B 41 28.58 9.99 -7.94
N ALA B 42 31.34 9.69 -5.07
CA ALA B 42 31.49 9.74 -3.59
C ALA B 42 32.60 8.78 -3.15
N PRO B 43 33.33 9.08 -2.04
CA PRO B 43 34.43 8.24 -1.59
C PRO B 43 33.94 6.97 -0.88
N PRO B 44 34.83 6.02 -0.55
CA PRO B 44 34.48 4.91 0.36
C PRO B 44 34.15 5.43 1.77
N LEU B 45 33.34 4.67 2.52
CA LEU B 45 32.92 5.00 3.90
C LEU B 45 34.17 5.08 4.80
N GLU B 46 34.21 6.08 5.67
CA GLU B 46 35.27 6.26 6.70
C GLU B 46 35.27 5.07 7.65
N SER B 47 36.42 4.74 8.24
CA SER B 47 36.62 3.63 9.21
C SER B 47 36.66 4.17 10.64
N VAL B 48 36.14 3.39 11.58
CA VAL B 48 36.27 3.61 13.06
C VAL B 48 36.82 2.31 13.66
N ASP B 49 37.78 2.43 14.60
CA ASP B 49 38.33 1.26 15.35
C ASP B 49 37.25 0.79 16.32
N ILE B 50 36.81 -0.47 16.19
CA ILE B 50 35.69 -1.07 16.97
C ILE B 50 36.04 -1.13 18.46
N ARG B 51 37.34 -1.21 18.81
CA ARG B 51 37.83 -1.24 20.21
C ARG B 51 37.33 -0.01 20.98
N GLN B 52 37.18 1.13 20.31
CA GLN B 52 36.70 2.41 20.89
C GLN B 52 35.25 2.30 21.40
N ILE B 53 34.42 1.40 20.83
CA ILE B 53 32.95 1.33 21.13
C ILE B 53 32.58 0.07 21.93
N TYR B 54 33.51 -0.86 22.21
CA TYR B 54 33.22 -2.15 22.92
C TYR B 54 32.53 -1.90 24.27
N ASP B 55 32.96 -0.89 25.02
CA ASP B 55 32.39 -0.52 26.35
C ASP B 55 30.96 0.02 26.23
N LYS B 56 30.57 0.53 25.06
CA LYS B 56 29.24 1.17 24.82
C LYS B 56 28.18 0.12 24.45
N PHE B 57 28.55 -1.15 24.28
CA PHE B 57 27.63 -2.25 23.84
C PHE B 57 27.84 -3.48 24.73
N PRO B 58 26.85 -4.41 24.80
CA PRO B 58 27.00 -5.63 25.59
C PRO B 58 28.11 -6.53 25.04
N GLU B 59 28.88 -7.15 25.93
CA GLU B 59 30.03 -8.04 25.60
C GLU B 59 29.78 -9.38 26.29
N LYS B 60 30.79 -10.27 26.35
CA LYS B 60 30.65 -11.70 26.74
C LYS B 60 29.87 -12.44 25.63
N LYS B 61 29.08 -13.47 25.97
CA LYS B 61 28.41 -14.37 24.99
C LYS B 61 27.35 -13.58 24.21
N GLY B 62 27.41 -13.61 22.87
CA GLY B 62 26.49 -12.92 21.95
C GLY B 62 26.81 -11.44 21.77
N GLY B 63 27.91 -10.95 22.36
CA GLY B 63 28.26 -9.52 22.40
C GLY B 63 28.90 -9.05 21.10
N LEU B 64 29.15 -7.74 20.98
CA LEU B 64 29.65 -7.07 19.74
C LEU B 64 31.05 -7.60 19.38
N LYS B 65 31.95 -7.73 20.37
CA LYS B 65 33.33 -8.25 20.18
C LYS B 65 33.27 -9.67 19.61
N GLU B 66 32.45 -10.53 20.22
CA GLU B 66 32.23 -11.94 19.80
C GLU B 66 31.66 -11.97 18.38
N LEU B 67 30.63 -11.15 18.10
CA LEU B 67 29.99 -11.05 16.77
C LEU B 67 31.01 -10.60 15.71
N PHE B 68 31.76 -9.54 16.00
CA PHE B 68 32.79 -8.96 15.08
C PHE B 68 33.90 -9.99 14.83
N GLY B 69 34.29 -10.74 15.86
CA GLY B 69 35.30 -11.83 15.78
C GLY B 69 34.89 -12.90 14.79
N LYS B 70 33.63 -13.36 14.85
CA LYS B 70 33.05 -14.37 13.93
C LYS B 70 32.94 -13.80 12.51
N GLY B 71 32.70 -12.49 12.39
CA GLY B 71 32.67 -11.77 11.08
C GLY B 71 31.39 -12.10 10.30
N PRO B 72 31.31 -11.75 8.98
CA PRO B 72 32.36 -11.03 8.27
C PRO B 72 32.45 -9.56 8.70
N GLN B 73 33.66 -9.00 8.72
CA GLN B 73 33.95 -7.62 9.21
C GLN B 73 33.25 -6.56 8.35
N ASN B 74 33.03 -6.83 7.06
CA ASN B 74 32.42 -5.88 6.10
C ASN B 74 30.91 -5.73 6.35
N ALA B 75 30.31 -6.53 7.23
CA ALA B 75 28.89 -6.45 7.65
C ALA B 75 28.68 -5.47 8.81
N PHE B 76 29.75 -4.91 9.41
CA PHE B 76 29.71 -4.17 10.69
C PHE B 76 29.88 -2.66 10.44
N PHE B 77 28.92 -1.87 10.93
CA PHE B 77 28.83 -0.40 10.73
C PHE B 77 28.54 0.31 12.06
N LEU B 78 29.14 1.49 12.25
CA LEU B 78 28.79 2.44 13.33
C LEU B 78 27.89 3.51 12.71
N VAL B 79 26.73 3.76 13.32
CA VAL B 79 25.77 4.80 12.87
C VAL B 79 25.61 5.83 14.00
N LYS B 80 26.05 7.06 13.75
CA LYS B 80 25.82 8.23 14.65
C LYS B 80 24.52 8.90 14.19
N PHE B 81 23.51 8.98 15.07
CA PHE B 81 22.19 9.62 14.81
C PHE B 81 22.12 10.94 15.56
N TRP B 82 21.60 11.97 14.89
CA TRP B 82 21.11 13.22 15.51
C TRP B 82 19.58 13.23 15.38
N ALA B 83 18.87 13.00 16.49
CA ALA B 83 17.42 12.76 16.51
C ALA B 83 16.68 14.10 16.46
N ASP B 84 15.61 14.16 15.66
CA ASP B 84 14.67 15.30 15.60
C ASP B 84 13.61 15.10 16.70
N LEU B 85 13.67 15.86 17.79
CA LEU B 85 12.69 15.80 18.91
C LEU B 85 11.76 17.03 18.87
N ASN B 86 11.76 17.79 17.77
CA ASN B 86 10.85 18.95 17.57
C ASN B 86 9.47 18.42 17.18
N CYS B 87 8.68 18.01 18.18
N CYS B 87 8.68 18.04 18.18
CA CYS B 87 7.29 17.50 18.01
CA CYS B 87 7.29 17.52 18.02
C CYS B 87 6.48 17.82 19.27
C CYS B 87 6.48 17.82 19.28
N ASN B 88 5.18 18.09 19.13
CA ASN B 88 4.24 18.31 20.26
C ASN B 88 3.59 16.96 20.56
N ILE B 89 4.03 16.29 21.62
CA ILE B 89 3.37 15.07 22.17
C ILE B 89 2.04 15.50 22.81
N GLN B 90 0.92 15.27 22.12
CA GLN B 90 -0.45 15.67 22.55
C GLN B 90 -0.95 14.73 23.65
N ASP B 91 -0.19 14.58 24.76
CA ASP B 91 -0.45 13.73 25.96
C ASP B 91 -0.71 12.26 25.58
N ASP B 92 -0.17 11.80 24.44
CA ASP B 92 -0.37 10.44 23.87
C ASP B 92 -1.87 10.21 23.54
N ALA B 93 -2.53 11.25 23.01
CA ALA B 93 -3.91 11.19 22.47
C ALA B 93 -3.87 10.62 21.05
N GLY B 94 -4.24 9.34 20.89
CA GLY B 94 -4.20 8.61 19.61
C GLY B 94 -2.80 8.65 18.99
N ALA B 95 -1.77 8.42 19.81
CA ALA B 95 -0.33 8.41 19.43
C ALA B 95 0.15 6.97 19.18
N PHE B 96 1.00 6.77 18.17
CA PHE B 96 1.70 5.50 17.87
C PHE B 96 3.18 5.80 17.61
N TYR B 97 4.06 5.20 18.41
CA TYR B 97 5.53 5.22 18.26
C TYR B 97 5.94 3.95 17.52
N GLY B 98 6.62 4.10 16.38
CA GLY B 98 6.89 2.99 15.44
C GLY B 98 8.27 3.07 14.83
N VAL B 99 8.75 1.92 14.32
CA VAL B 99 10.00 1.79 13.52
C VAL B 99 9.64 1.01 12.25
N THR B 100 10.00 1.55 11.09
CA THR B 100 9.92 0.88 9.77
C THR B 100 11.35 0.63 9.28
N SER B 101 11.63 -0.60 8.86
CA SER B 101 12.92 -1.00 8.27
C SER B 101 12.66 -1.80 6.99
N GLN B 102 13.51 -1.62 5.98
CA GLN B 102 13.49 -2.39 4.72
C GLN B 102 14.93 -2.75 4.35
N TYR B 103 15.14 -4.03 4.05
CA TYR B 103 16.40 -4.58 3.48
C TYR B 103 16.08 -5.23 2.13
N GLU B 104 17.10 -5.35 1.27
CA GLU B 104 16.98 -6.01 -0.06
C GLU B 104 18.18 -6.92 -0.28
N SER B 105 17.95 -8.03 -0.98
CA SER B 105 18.97 -9.05 -1.35
C SER B 105 18.63 -9.64 -2.72
N SER B 106 19.66 -10.17 -3.40
CA SER B 106 19.52 -11.02 -4.62
C SER B 106 19.10 -12.44 -4.21
N GLU B 107 19.42 -12.87 -2.99
CA GLU B 107 19.08 -14.20 -2.43
C GLU B 107 17.77 -14.16 -1.65
N ASN B 108 17.03 -15.27 -1.65
CA ASN B 108 15.82 -15.53 -0.82
C ASN B 108 16.27 -16.18 0.48
N MET B 109 16.04 -15.53 1.62
CA MET B 109 16.49 -15.98 2.97
C MET B 109 15.35 -15.76 3.97
N THR B 110 15.40 -16.50 5.08
CA THR B 110 14.70 -16.15 6.34
C THR B 110 15.68 -15.36 7.19
N VAL B 111 15.38 -14.09 7.46
CA VAL B 111 16.26 -13.16 8.22
C VAL B 111 15.66 -12.92 9.60
N THR B 112 16.50 -12.93 10.64
CA THR B 112 16.17 -12.53 12.04
C THR B 112 16.83 -11.18 12.32
N CYS B 113 16.03 -10.20 12.72
N CYS B 113 16.03 -10.18 12.70
CA CYS B 113 16.47 -8.85 13.16
CA CYS B 113 16.50 -8.85 13.16
C CYS B 113 16.44 -8.78 14.69
C CYS B 113 16.44 -8.79 14.70
N SER B 114 17.61 -8.71 15.34
CA SER B 114 17.78 -8.53 16.80
C SER B 114 18.08 -7.05 17.09
N THR B 115 17.30 -6.43 17.96
CA THR B 115 17.48 -5.04 18.43
C THR B 115 17.77 -5.07 19.94
N LYS B 116 18.96 -4.63 20.36
CA LYS B 116 19.35 -4.53 21.79
C LYS B 116 19.51 -3.06 22.17
N VAL B 117 18.64 -2.55 23.03
CA VAL B 117 18.75 -1.19 23.65
C VAL B 117 19.65 -1.33 24.87
N CYS B 118 20.66 -0.47 24.99
N CYS B 118 20.66 -0.47 24.99
CA CYS B 118 21.76 -0.57 25.99
CA CYS B 118 21.77 -0.57 25.97
C CYS B 118 21.93 0.77 26.72
C CYS B 118 21.96 0.76 26.72
N SER B 119 22.07 0.70 28.04
CA SER B 119 22.35 1.84 28.96
C SER B 119 23.67 1.55 29.68
N PHE B 120 24.68 2.39 29.46
CA PHE B 120 26.06 2.26 30.01
C PHE B 120 26.65 0.88 29.67
N GLY B 121 26.43 0.41 28.45
CA GLY B 121 27.03 -0.84 27.93
C GLY B 121 26.27 -2.09 28.35
N LYS B 122 25.20 -1.99 29.15
CA LYS B 122 24.38 -3.15 29.61
C LYS B 122 23.04 -3.16 28.84
N GLN B 123 22.64 -4.33 28.33
CA GLN B 123 21.33 -4.57 27.67
C GLN B 123 20.22 -4.26 28.68
N VAL B 124 19.26 -3.42 28.30
CA VAL B 124 18.04 -3.09 29.10
C VAL B 124 16.80 -3.73 28.48
N VAL B 125 16.75 -3.85 27.15
CA VAL B 125 15.65 -4.58 26.43
C VAL B 125 16.20 -5.13 25.11
N GLU B 126 15.71 -6.32 24.71
CA GLU B 126 15.96 -6.91 23.38
C GLU B 126 14.61 -7.18 22.69
N LYS B 127 14.49 -6.83 21.41
CA LYS B 127 13.37 -7.19 20.52
C LYS B 127 13.92 -8.06 19.38
N VAL B 128 13.25 -9.18 19.08
CA VAL B 128 13.62 -10.14 18.00
C VAL B 128 12.43 -10.24 17.03
N GLU B 129 12.68 -10.01 15.74
CA GLU B 129 11.68 -10.08 14.64
C GLU B 129 12.23 -10.98 13.52
N THR B 130 11.45 -11.95 13.05
CA THR B 130 11.75 -12.80 11.87
C THR B 130 11.01 -12.24 10.66
N GLU B 131 11.71 -12.09 9.53
CA GLU B 131 11.14 -11.56 8.25
C GLU B 131 11.38 -12.59 7.14
N TYR B 132 10.39 -12.77 6.27
CA TYR B 132 10.45 -13.61 5.04
C TYR B 132 10.45 -12.69 3.82
N ALA B 133 11.15 -13.08 2.76
CA ALA B 133 11.34 -12.27 1.53
C ALA B 133 10.01 -12.10 0.79
N ARG B 134 9.85 -10.96 0.14
CA ARG B 134 8.80 -10.68 -0.87
C ARG B 134 9.50 -10.17 -2.13
N PHE B 135 9.28 -10.80 -3.28
CA PHE B 135 9.93 -10.44 -4.57
C PHE B 135 9.21 -9.22 -5.16
N GLU B 136 9.84 -8.05 -5.05
CA GLU B 136 9.29 -6.74 -5.51
C GLU B 136 10.34 -6.03 -6.34
N ASN B 137 9.97 -5.60 -7.56
CA ASN B 137 10.80 -4.75 -8.45
C ASN B 137 12.19 -5.38 -8.66
N GLY B 138 12.23 -6.71 -8.89
CA GLY B 138 13.44 -7.44 -9.34
C GLY B 138 14.43 -7.73 -8.22
N ARG B 139 14.00 -7.75 -6.96
CA ARG B 139 14.83 -8.00 -5.77
C ARG B 139 13.97 -8.66 -4.69
N PHE B 140 14.59 -9.41 -3.78
CA PHE B 140 13.95 -9.91 -2.53
C PHE B 140 13.99 -8.81 -1.48
N VAL B 141 12.81 -8.40 -0.99
CA VAL B 141 12.62 -7.26 -0.05
C VAL B 141 12.19 -7.84 1.30
N TYR B 142 12.81 -7.34 2.39
CA TYR B 142 12.51 -7.69 3.80
C TYR B 142 12.04 -6.43 4.50
N ARG B 143 10.72 -6.32 4.73
CA ARG B 143 10.08 -5.10 5.28
C ARG B 143 9.46 -5.46 6.64
N ILE B 144 9.96 -4.85 7.73
CA ILE B 144 9.21 -4.69 9.01
C ILE B 144 8.49 -3.35 8.89
N ASN B 145 7.18 -3.39 8.60
CA ASN B 145 6.33 -2.19 8.50
C ASN B 145 5.76 -1.90 9.89
N ARG B 146 6.04 -0.70 10.41
CA ARG B 146 5.30 -0.09 11.54
C ARG B 146 5.45 -0.96 12.80
N SER B 147 6.67 -1.40 13.13
CA SER B 147 6.98 -2.15 14.37
C SER B 147 6.77 -1.22 15.55
N PRO B 148 5.90 -1.55 16.54
CA PRO B 148 5.65 -0.66 17.67
C PRO B 148 6.90 -0.55 18.57
N MET B 149 7.20 0.67 19.03
CA MET B 149 8.28 0.90 20.03
C MET B 149 7.87 0.25 21.35
N CYS B 150 8.82 -0.34 22.06
CA CYS B 150 8.64 -0.87 23.45
C CYS B 150 8.45 0.31 24.40
N GLU B 151 7.81 0.05 25.55
CA GLU B 151 7.44 1.07 26.56
C GLU B 151 8.71 1.78 27.08
N TYR B 152 9.83 1.05 27.22
CA TYR B 152 11.14 1.61 27.66
C TYR B 152 11.49 2.81 26.76
N MET B 153 11.40 2.63 25.44
CA MET B 153 11.79 3.66 24.44
C MET B 153 10.78 4.82 24.44
N ILE B 154 9.48 4.53 24.57
CA ILE B 154 8.41 5.57 24.61
C ILE B 154 8.64 6.44 25.86
N ASN B 155 8.88 5.81 27.01
CA ASN B 155 9.14 6.48 28.31
C ASN B 155 10.44 7.30 28.22
N PHE B 156 11.49 6.74 27.60
CA PHE B 156 12.81 7.40 27.43
C PHE B 156 12.65 8.69 26.60
N ILE B 157 11.94 8.62 25.48
CA ILE B 157 11.67 9.79 24.59
C ILE B 157 10.90 10.87 25.37
N HIS B 158 9.88 10.48 26.14
CA HIS B 158 9.08 11.38 27.03
C HIS B 158 10.01 12.08 28.03
N LYS B 159 10.88 11.34 28.71
CA LYS B 159 11.82 11.87 29.75
C LYS B 159 12.79 12.88 29.11
N LEU B 160 13.35 12.56 27.94
CA LEU B 160 14.28 13.46 27.20
C LEU B 160 13.58 14.78 26.86
N LYS B 161 12.37 14.71 26.31
CA LYS B 161 11.61 15.89 25.82
C LYS B 161 11.16 16.76 26.99
N HIS B 162 11.09 16.21 28.21
CA HIS B 162 10.76 16.95 29.45
C HIS B 162 11.93 17.86 29.86
N LEU B 163 13.16 17.58 29.42
CA LEU B 163 14.35 18.43 29.70
C LEU B 163 14.22 19.72 28.91
N PRO B 164 14.44 20.91 29.52
CA PRO B 164 14.28 22.19 28.83
C PRO B 164 15.39 22.58 27.84
N GLU B 165 16.55 21.90 27.86
CA GLU B 165 17.71 22.22 27.00
C GLU B 165 18.23 20.96 26.30
N LYS B 166 18.63 21.09 25.04
CA LYS B 166 19.17 19.99 24.20
C LYS B 166 20.49 19.49 24.78
N TYR B 167 21.32 20.36 25.38
CA TYR B 167 22.62 19.96 26.02
C TYR B 167 22.35 18.95 27.14
N MET B 168 21.22 19.06 27.83
CA MET B 168 20.82 18.10 28.90
C MET B 168 20.46 16.75 28.27
N MET B 169 19.74 16.78 27.14
CA MET B 169 19.35 15.56 26.39
C MET B 169 20.61 14.84 25.89
N ASN B 170 21.56 15.59 25.34
CA ASN B 170 22.85 15.05 24.81
C ASN B 170 23.64 14.37 25.94
N SER B 171 23.65 14.95 27.14
CA SER B 171 24.32 14.39 28.34
C SER B 171 23.73 13.01 28.67
N VAL B 172 22.40 12.87 28.67
CA VAL B 172 21.70 11.58 28.90
C VAL B 172 22.08 10.60 27.77
N LEU B 173 22.09 11.06 26.52
CA LEU B 173 22.23 10.19 25.32
C LEU B 173 23.66 9.67 25.15
N GLU B 174 24.66 10.26 25.83
CA GLU B 174 26.08 9.79 25.82
C GLU B 174 26.17 8.30 26.22
N ASN B 175 25.25 7.82 27.06
CA ASN B 175 25.30 6.46 27.67
C ASN B 175 24.18 5.57 27.10
N PHE B 176 23.52 6.00 26.02
CA PHE B 176 22.41 5.28 25.35
C PHE B 176 22.89 4.81 23.97
N THR B 177 22.78 3.50 23.72
CA THR B 177 23.13 2.88 22.42
C THR B 177 22.11 1.79 22.06
N ILE B 178 22.05 1.47 20.78
CA ILE B 178 21.18 0.39 20.20
C ILE B 178 22.08 -0.44 19.26
N LEU B 179 22.04 -1.77 19.42
CA LEU B 179 22.74 -2.71 18.50
C LEU B 179 21.68 -3.44 17.67
N LEU B 180 21.72 -3.24 16.35
N LEU B 180 21.73 -3.24 16.35
CA LEU B 180 20.87 -3.92 15.34
CA LEU B 180 20.86 -3.91 15.35
C LEU B 180 21.72 -4.99 14.68
C LEU B 180 21.70 -5.00 14.66
N VAL B 181 21.28 -6.25 14.75
CA VAL B 181 21.95 -7.43 14.11
C VAL B 181 20.92 -8.12 13.22
N VAL B 182 21.17 -8.15 11.90
CA VAL B 182 20.37 -8.92 10.93
C VAL B 182 21.15 -10.20 10.60
N THR B 183 20.53 -11.35 10.85
CA THR B 183 21.14 -12.71 10.73
C THR B 183 20.33 -13.54 9.73
N ASN B 184 21.01 -14.31 8.88
CA ASN B 184 20.42 -15.43 8.11
C ASN B 184 20.03 -16.51 9.13
N ARG B 185 18.73 -16.70 9.40
CA ARG B 185 18.20 -17.61 10.46
C ARG B 185 18.67 -19.06 10.21
N ASP B 186 18.77 -19.49 8.95
CA ASP B 186 19.10 -20.88 8.56
C ASP B 186 20.59 -21.16 8.79
N THR B 187 21.49 -20.30 8.31
CA THR B 187 22.97 -20.48 8.36
C THR B 187 23.58 -19.81 9.62
N GLN B 188 22.85 -18.90 10.27
CA GLN B 188 23.31 -18.07 11.43
C GLN B 188 24.45 -17.13 11.03
N GLU B 189 24.58 -16.80 9.74
CA GLU B 189 25.55 -15.80 9.23
C GLU B 189 25.06 -14.39 9.61
N THR B 190 25.93 -13.54 10.14
CA THR B 190 25.67 -12.08 10.32
C THR B 190 25.63 -11.44 8.93
N LEU B 191 24.48 -10.90 8.54
CA LEU B 191 24.28 -10.21 7.23
C LEU B 191 24.64 -8.73 7.38
N LEU B 192 24.08 -8.08 8.41
CA LEU B 192 24.38 -6.66 8.76
C LEU B 192 24.39 -6.51 10.28
N CYS B 193 25.31 -5.69 10.79
CA CYS B 193 25.36 -5.24 12.19
C CYS B 193 25.54 -3.72 12.22
N MET B 194 24.62 -3.02 12.89
N MET B 194 24.61 -3.01 12.88
CA MET B 194 24.63 -1.53 13.05
CA MET B 194 24.64 -1.55 13.06
C MET B 194 24.72 -1.20 14.55
C MET B 194 24.72 -1.22 14.56
N ALA B 195 25.88 -0.69 14.99
CA ALA B 195 26.10 -0.15 16.35
C ALA B 195 25.67 1.32 16.31
N CYS B 196 24.59 1.67 17.01
CA CYS B 196 23.93 2.99 16.90
C CYS B 196 24.20 3.84 18.15
N VAL B 197 24.68 5.07 17.97
CA VAL B 197 24.89 6.10 19.03
C VAL B 197 24.06 7.33 18.68
N PHE B 198 23.68 8.12 19.69
CA PHE B 198 22.61 9.13 19.60
C PHE B 198 23.05 10.46 20.22
N GLU B 199 22.73 11.55 19.51
CA GLU B 199 22.63 12.94 20.04
C GLU B 199 21.28 13.50 19.56
N VAL B 200 20.88 14.67 20.03
CA VAL B 200 19.70 15.44 19.52
C VAL B 200 20.21 16.40 18.44
N SER B 201 19.49 16.53 17.34
CA SER B 201 19.78 17.49 16.25
C SER B 201 19.50 18.92 16.75
N ASN B 202 20.36 19.86 16.37
CA ASN B 202 20.11 21.33 16.50
C ASN B 202 19.94 21.96 15.10
N SER B 203 19.89 21.13 14.05
CA SER B 203 19.77 21.55 12.63
C SER B 203 18.31 21.92 12.32
N GLU B 204 18.13 22.86 11.38
CA GLU B 204 16.81 23.31 10.89
C GLU B 204 16.19 22.23 9.99
N HIS B 205 17.04 21.52 9.21
CA HIS B 205 16.65 20.44 8.26
C HIS B 205 16.02 19.24 8.99
N GLY B 206 16.37 19.03 10.26
CA GLY B 206 15.80 17.98 11.13
C GLY B 206 16.83 16.94 11.51
N ALA B 207 16.56 15.67 11.27
CA ALA B 207 17.40 14.52 11.69
C ALA B 207 18.63 14.43 10.78
N GLN B 208 19.78 14.04 11.35
N GLN B 208 19.78 14.03 11.34
CA GLN B 208 21.04 13.77 10.60
CA GLN B 208 21.04 13.77 10.60
C GLN B 208 21.59 12.41 11.03
C GLN B 208 21.59 12.41 11.03
N HIS B 209 22.53 11.88 10.25
CA HIS B 209 23.26 10.63 10.56
C HIS B 209 24.63 10.66 9.88
N HIS B 210 25.58 9.90 10.44
N HIS B 210 25.60 9.93 10.44
CA HIS B 210 26.94 9.66 9.91
CA HIS B 210 26.92 9.65 9.84
C HIS B 210 27.22 8.16 10.02
C HIS B 210 27.22 8.16 10.00
N ILE B 211 27.55 7.50 8.89
CA ILE B 211 27.82 6.03 8.82
C ILE B 211 29.32 5.83 8.70
N TYR B 212 29.87 4.89 9.47
CA TYR B 212 31.28 4.44 9.40
C TYR B 212 31.32 2.91 9.29
N ARG B 213 32.35 2.37 8.64
CA ARG B 213 32.74 0.94 8.73
C ARG B 213 33.44 0.71 10.07
N LEU B 214 33.18 -0.43 10.72
CA LEU B 214 33.92 -0.88 11.94
C LEU B 214 35.07 -1.79 11.49
N VAL B 215 36.30 -1.49 11.93
CA VAL B 215 37.54 -2.24 11.60
C VAL B 215 38.31 -2.53 12.90
N LYS B 216 39.34 -3.38 12.82
CA LYS B 216 40.21 -3.79 13.95
C LYS B 216 41.54 -3.01 13.92
N ASP B 217 42.18 -2.88 12.74
CA ASP B 217 43.50 -2.20 12.56
C ASP B 217 44.52 -2.73 13.58
N GLY C 1 23.49 -1.72 -12.46
CA GLY C 1 24.58 -0.90 -13.06
C GLY C 1 24.04 0.24 -13.90
N ARG C 2 23.52 -0.08 -15.10
CA ARG C 2 22.98 0.90 -16.07
C ARG C 2 21.65 1.43 -15.53
N SER C 3 21.41 2.74 -15.62
N SER C 3 21.42 2.74 -15.61
CA SER C 3 20.29 3.47 -14.98
CA SER C 3 20.28 3.46 -14.99
C SER C 3 19.77 4.58 -15.90
C SER C 3 19.77 4.57 -15.91
N ILE C 4 18.46 4.59 -16.17
CA ILE C 4 17.76 5.71 -16.89
C ILE C 4 17.54 6.83 -15.87
N GLY C 5 18.41 7.84 -15.85
CA GLY C 5 18.31 8.95 -14.88
C GLY C 5 19.22 10.12 -15.19
N THR C 6 18.87 11.29 -14.65
CA THR C 6 19.70 12.52 -14.59
C THR C 6 19.86 12.90 -13.11
N THR C 7 20.42 14.09 -12.83
CA THR C 7 20.50 14.68 -11.47
C THR C 7 19.09 15.12 -11.01
N LYS C 8 18.16 15.35 -11.94
CA LYS C 8 16.81 15.92 -11.68
C LYS C 8 15.73 14.82 -11.59
N LEU C 9 15.89 13.68 -12.25
CA LEU C 9 14.89 12.58 -12.22
C LEU C 9 15.54 11.24 -12.60
N ARG C 10 15.15 10.18 -11.90
CA ARG C 10 15.68 8.80 -12.09
C ARG C 10 14.50 7.81 -12.13
N LEU C 11 14.48 6.92 -13.12
CA LEU C 11 13.50 5.80 -13.21
C LEU C 11 13.84 4.77 -12.13
N VAL C 12 12.88 4.46 -11.25
CA VAL C 12 13.00 3.48 -10.14
C VAL C 12 12.41 2.14 -10.61
N GLU C 13 11.23 2.17 -11.24
CA GLU C 13 10.51 0.97 -11.71
C GLU C 13 9.78 1.29 -13.01
N PHE C 14 9.84 0.38 -13.98
CA PHE C 14 8.89 0.27 -15.11
C PHE C 14 8.47 -1.19 -15.25
N SER C 15 7.17 -1.47 -15.16
N SER C 15 7.17 -1.48 -15.12
CA SER C 15 6.59 -2.83 -15.16
CA SER C 15 6.59 -2.85 -15.15
C SER C 15 5.31 -2.82 -15.99
C SER C 15 5.31 -2.84 -15.98
N ALA C 16 5.26 -3.65 -17.04
CA ALA C 16 4.03 -3.92 -17.84
C ALA C 16 3.60 -5.36 -17.54
N PHE C 17 2.34 -5.57 -17.14
CA PHE C 17 1.89 -6.84 -16.57
C PHE C 17 0.46 -7.19 -16.99
N LEU C 18 0.12 -8.45 -16.75
CA LEU C 18 -1.24 -9.03 -16.89
C LEU C 18 -1.59 -9.73 -15.56
N GLU C 19 -2.63 -9.25 -14.88
CA GLU C 19 -3.24 -9.94 -13.71
C GLU C 19 -4.45 -10.72 -14.19
N GLN C 20 -4.61 -11.95 -13.70
CA GLN C 20 -5.78 -12.82 -14.02
C GLN C 20 -6.33 -13.45 -12.74
N GLN C 21 -7.64 -13.31 -12.55
CA GLN C 21 -8.44 -13.91 -11.45
C GLN C 21 -9.31 -15.01 -12.06
N ARG C 22 -8.80 -16.25 -12.08
N ARG C 22 -8.80 -16.24 -12.10
CA ARG C 22 -9.51 -17.43 -12.66
CA ARG C 22 -9.49 -17.44 -12.65
C ARG C 22 -10.78 -17.72 -11.86
C ARG C 22 -10.78 -17.72 -11.86
N ASP C 23 -10.71 -17.59 -10.54
CA ASP C 23 -11.86 -17.82 -9.61
C ASP C 23 -11.57 -17.01 -8.33
N PRO C 24 -12.51 -16.95 -7.35
CA PRO C 24 -12.26 -16.23 -6.10
C PRO C 24 -11.02 -16.65 -5.30
N ASP C 25 -10.47 -17.85 -5.53
CA ASP C 25 -9.33 -18.43 -4.77
C ASP C 25 -8.03 -18.36 -5.56
N SER C 26 -8.05 -17.89 -6.81
CA SER C 26 -6.92 -18.02 -7.77
C SER C 26 -6.57 -16.65 -8.36
N TYR C 27 -5.35 -16.18 -8.11
CA TYR C 27 -4.76 -14.93 -8.65
C TYR C 27 -3.40 -15.26 -9.25
N ASN C 28 -3.11 -14.67 -10.42
N ASN C 28 -3.09 -14.68 -10.42
CA ASN C 28 -1.82 -14.78 -11.14
CA ASN C 28 -1.72 -14.76 -11.01
C ASN C 28 -1.42 -13.38 -11.65
C ASN C 28 -1.40 -13.43 -11.68
N LYS C 29 -0.13 -13.05 -11.62
CA LYS C 29 0.43 -11.81 -12.21
C LYS C 29 1.64 -12.20 -13.07
N HIS C 30 1.60 -11.83 -14.35
CA HIS C 30 2.68 -12.05 -15.34
C HIS C 30 3.29 -10.69 -15.74
N LEU C 31 4.62 -10.57 -15.70
CA LEU C 31 5.35 -9.38 -16.23
C LEU C 31 5.76 -9.63 -17.68
N PHE C 32 5.41 -8.72 -18.58
CA PHE C 32 5.83 -8.72 -20.01
C PHE C 32 7.23 -8.13 -20.12
N VAL C 33 7.41 -6.94 -19.56
CA VAL C 33 8.71 -6.21 -19.49
C VAL C 33 8.86 -5.65 -18.07
N HIS C 34 10.11 -5.43 -17.65
CA HIS C 34 10.45 -4.86 -16.33
C HIS C 34 11.83 -4.19 -16.39
N ILE C 35 11.92 -2.99 -15.83
CA ILE C 35 13.19 -2.29 -15.47
C ILE C 35 13.11 -2.00 -13.97
N GLY C 36 14.17 -2.35 -13.24
CA GLY C 36 14.28 -2.20 -11.77
C GLY C 36 15.10 -0.97 -11.37
N HIS C 37 15.26 -0.76 -10.07
CA HIS C 37 16.05 0.34 -9.47
C HIS C 37 17.53 -0.10 -9.48
N HIS C 38 18.38 0.66 -10.17
CA HIS C 38 19.83 0.36 -10.38
C HIS C 38 20.67 1.63 -10.20
N CYS C 39 21.86 1.50 -9.62
CA CYS C 39 22.87 2.58 -9.45
C CYS C 39 23.32 3.08 -10.83
N SER C 41 34.95 5.47 -11.95
CA SER C 41 34.02 4.38 -11.58
C SER C 41 33.62 3.55 -12.79
N ALA C 42 32.32 3.33 -12.99
CA ALA C 42 31.74 2.61 -14.14
C ALA C 42 31.92 3.44 -15.41
N PRO C 43 32.02 2.82 -16.61
CA PRO C 43 32.20 3.56 -17.86
C PRO C 43 30.91 4.20 -18.35
N PRO C 44 30.94 5.04 -19.42
CA PRO C 44 29.71 5.59 -19.99
C PRO C 44 28.85 4.49 -20.63
N LEU C 45 27.53 4.71 -20.66
CA LEU C 45 26.55 3.92 -21.45
C LEU C 45 26.94 3.92 -22.93
N GLU C 46 26.68 2.82 -23.66
CA GLU C 46 26.83 2.72 -25.13
C GLU C 46 25.92 3.75 -25.79
N SER C 47 26.38 4.35 -26.89
N SER C 47 26.38 4.35 -26.89
CA SER C 47 25.72 5.46 -27.61
CA SER C 47 25.73 5.46 -27.62
C SER C 47 25.02 4.92 -28.87
C SER C 47 25.02 4.92 -28.87
N VAL C 48 23.91 5.55 -29.24
CA VAL C 48 23.21 5.34 -30.54
C VAL C 48 22.98 6.72 -31.14
N ASP C 49 23.28 6.87 -32.44
CA ASP C 49 23.00 8.12 -33.20
C ASP C 49 21.48 8.22 -33.38
N ILE C 50 20.87 9.29 -32.87
CA ILE C 50 19.39 9.51 -32.85
C ILE C 50 18.85 9.61 -34.28
N ARG C 51 19.68 10.03 -35.25
CA ARG C 51 19.32 10.10 -36.70
C ARG C 51 18.84 8.73 -37.20
N GLN C 52 19.40 7.64 -36.67
CA GLN C 52 19.04 6.23 -37.03
C GLN C 52 17.58 5.90 -36.67
N ILE C 53 16.99 6.56 -35.65
CA ILE C 53 15.66 6.19 -35.10
C ILE C 53 14.60 7.27 -35.40
N TYR C 54 14.94 8.37 -36.08
CA TYR C 54 14.02 9.52 -36.35
C TYR C 54 12.76 9.04 -37.09
N ASP C 55 12.92 8.13 -38.07
N ASP C 55 12.92 8.14 -38.07
CA ASP C 55 11.82 7.57 -38.90
CA ASP C 55 11.79 7.62 -38.89
C ASP C 55 10.89 6.68 -38.06
C ASP C 55 10.89 6.67 -38.07
N LYS C 56 11.38 6.15 -36.93
CA LYS C 56 10.64 5.18 -36.08
C LYS C 56 9.73 5.89 -35.07
N PHE C 57 9.77 7.23 -35.00
CA PHE C 57 8.97 8.06 -34.05
C PHE C 57 8.38 9.26 -34.79
N PRO C 58 7.30 9.90 -34.26
CA PRO C 58 6.69 11.05 -34.93
C PRO C 58 7.64 12.25 -34.95
N GLU C 59 7.64 13.00 -36.05
CA GLU C 59 8.53 14.17 -36.28
C GLU C 59 7.65 15.37 -36.63
N LYS C 60 8.23 16.47 -37.15
CA LYS C 60 7.57 17.79 -37.29
C LYS C 60 7.36 18.39 -35.89
N LYS C 61 6.30 19.17 -35.68
CA LYS C 61 6.06 19.94 -34.42
C LYS C 61 5.79 18.96 -33.26
N GLY C 62 6.55 19.09 -32.16
CA GLY C 62 6.44 18.25 -30.96
C GLY C 62 7.17 16.90 -31.10
N GLY C 63 7.89 16.68 -32.20
CA GLY C 63 8.50 15.38 -32.55
C GLY C 63 9.79 15.13 -31.80
N LEU C 64 10.37 13.94 -31.99
CA LEU C 64 11.59 13.47 -31.26
C LEU C 64 12.80 14.36 -31.61
N LYS C 65 12.99 14.69 -32.89
CA LYS C 65 14.09 15.56 -33.38
C LYS C 65 13.99 16.93 -32.69
N GLU C 66 12.81 17.52 -32.68
CA GLU C 66 12.51 18.84 -32.04
C GLU C 66 12.80 18.73 -30.54
N LEU C 67 12.31 17.68 -29.87
CA LEU C 67 12.53 17.44 -28.41
C LEU C 67 14.03 17.32 -28.12
N PHE C 68 14.75 16.49 -28.89
CA PHE C 68 16.21 16.24 -28.71
C PHE C 68 16.99 17.54 -28.95
N GLY C 69 16.57 18.35 -29.93
CA GLY C 69 17.16 19.68 -30.25
C GLY C 69 17.11 20.62 -29.06
N LYS C 70 15.94 20.72 -28.41
CA LYS C 70 15.71 21.56 -27.20
C LYS C 70 16.53 21.01 -26.03
N GLY C 71 16.73 19.69 -25.94
CA GLY C 71 17.57 19.04 -24.92
C GLY C 71 16.89 19.03 -23.55
N PRO C 72 17.62 18.75 -22.44
CA PRO C 72 19.04 18.40 -22.47
C PRO C 72 19.28 17.00 -23.03
N GLN C 73 20.40 16.80 -23.72
N GLN C 73 20.41 16.81 -23.73
CA GLN C 73 20.75 15.55 -24.45
CA GLN C 73 20.79 15.55 -24.45
C GLN C 73 20.92 14.37 -23.47
C GLN C 73 20.92 14.38 -23.47
N ASN C 74 21.36 14.65 -22.24
CA ASN C 74 21.62 13.60 -21.20
C ASN C 74 20.30 13.00 -20.66
N ALA C 75 19.14 13.57 -21.02
CA ALA C 75 17.79 13.08 -20.64
C ALA C 75 17.28 12.02 -21.64
N PHE C 76 17.96 11.79 -22.76
CA PHE C 76 17.43 10.99 -23.91
C PHE C 76 18.10 9.61 -23.94
N PHE C 77 17.28 8.56 -23.93
CA PHE C 77 17.71 7.14 -23.89
C PHE C 77 16.96 6.33 -24.94
N LEU C 78 17.66 5.37 -25.55
CA LEU C 78 17.05 4.25 -26.33
C LEU C 78 16.97 3.04 -25.40
N VAL C 79 15.77 2.46 -25.25
CA VAL C 79 15.52 1.24 -24.44
C VAL C 79 15.07 0.13 -25.39
N LYS C 80 15.89 -0.91 -25.55
N LYS C 80 15.89 -0.90 -25.55
CA LYS C 80 15.54 -2.16 -26.27
CA LYS C 80 15.56 -2.16 -26.27
C LYS C 80 14.94 -3.13 -25.25
C LYS C 80 14.94 -3.12 -25.24
N PHE C 81 13.70 -3.58 -25.48
CA PHE C 81 12.98 -4.55 -24.62
C PHE C 81 12.92 -5.90 -25.32
N TRP C 82 13.17 -6.98 -24.56
CA TRP C 82 12.83 -8.37 -24.94
C TRP C 82 11.67 -8.82 -24.04
N ALA C 83 10.45 -8.85 -24.60
CA ALA C 83 9.18 -9.09 -23.86
C ALA C 83 9.02 -10.59 -23.58
N ASP C 84 8.52 -10.91 -22.38
CA ASP C 84 8.07 -12.27 -21.99
C ASP C 84 6.59 -12.39 -22.37
N LEU C 85 6.28 -13.14 -23.43
CA LEU C 85 4.87 -13.42 -23.87
C LEU C 85 4.45 -14.83 -23.50
N ASN C 86 5.24 -15.53 -22.67
CA ASN C 86 4.90 -16.89 -22.16
C ASN C 86 3.88 -16.73 -21.03
N CYS C 87 2.60 -16.60 -21.40
N CYS C 87 2.60 -16.65 -21.41
CA CYS C 87 1.46 -16.51 -20.45
CA CYS C 87 1.45 -16.47 -20.49
C CYS C 87 0.19 -17.09 -21.09
C CYS C 87 0.19 -17.10 -21.11
N ASN C 88 -0.64 -17.76 -20.29
CA ASN C 88 -1.93 -18.35 -20.72
C ASN C 88 -3.01 -17.29 -20.52
N ILE C 89 -3.42 -16.61 -21.61
CA ILE C 89 -4.58 -15.68 -21.62
C ILE C 89 -5.86 -16.52 -21.52
N GLN C 90 -6.45 -16.61 -20.33
CA GLN C 90 -7.69 -17.37 -20.03
C GLN C 90 -8.91 -16.63 -20.62
N ASP C 91 -9.98 -17.38 -20.89
CA ASP C 91 -11.21 -16.89 -21.58
C ASP C 91 -12.04 -16.07 -20.59
N ASP C 92 -11.87 -14.74 -20.60
CA ASP C 92 -12.74 -13.74 -19.90
C ASP C 92 -12.63 -13.94 -18.38
N ALA C 93 -11.41 -14.20 -17.88
CA ALA C 93 -11.11 -14.58 -16.48
C ALA C 93 -10.69 -13.36 -15.65
N GLY C 94 -11.49 -12.28 -15.70
CA GLY C 94 -11.32 -11.05 -14.89
C GLY C 94 -9.93 -10.45 -15.03
N ALA C 95 -9.45 -10.35 -16.28
CA ALA C 95 -8.07 -9.95 -16.64
C ALA C 95 -7.89 -8.44 -16.49
N PHE C 96 -6.72 -8.00 -16.00
CA PHE C 96 -6.29 -6.58 -15.98
C PHE C 96 -4.89 -6.47 -16.59
N TYR C 97 -4.79 -5.71 -17.69
CA TYR C 97 -3.51 -5.32 -18.34
C TYR C 97 -3.13 -3.94 -17.83
N GLY C 98 -1.94 -3.81 -17.24
CA GLY C 98 -1.51 -2.59 -16.54
C GLY C 98 -0.06 -2.26 -16.76
N VAL C 99 0.29 -1.00 -16.51
CA VAL C 99 1.69 -0.51 -16.46
C VAL C 99 1.87 0.23 -15.14
N THR C 100 2.89 -0.14 -14.36
CA THR C 100 3.32 0.55 -13.13
C THR C 100 4.69 1.18 -13.40
N SER C 101 4.82 2.48 -13.10
CA SER C 101 6.09 3.23 -13.23
C SER C 101 6.33 4.04 -11.95
N GLN C 102 7.59 4.17 -11.57
CA GLN C 102 8.04 5.00 -10.41
C GLN C 102 9.30 5.76 -10.82
N TYR C 103 9.31 7.06 -10.55
CA TYR C 103 10.47 7.97 -10.69
C TYR C 103 10.77 8.59 -9.32
N GLU C 104 12.01 9.01 -9.11
CA GLU C 104 12.46 9.70 -7.87
C GLU C 104 13.27 10.94 -8.25
N SER C 105 13.21 11.96 -7.39
CA SER C 105 13.96 13.24 -7.53
C SER C 105 14.28 13.80 -6.14
N SER C 106 15.33 14.62 -6.08
CA SER C 106 15.66 15.47 -4.90
C SER C 106 14.75 16.69 -4.86
N GLU C 107 14.21 17.12 -6.01
CA GLU C 107 13.34 18.32 -6.16
C GLU C 107 11.87 17.92 -6.14
N ASN C 108 11.01 18.79 -5.62
CA ASN C 108 9.53 18.68 -5.64
C ASN C 108 9.02 19.36 -6.92
N MET C 109 8.38 18.58 -7.80
CA MET C 109 7.89 19.03 -9.14
C MET C 109 6.51 18.45 -9.38
N THR C 110 5.74 19.08 -10.28
CA THR C 110 4.60 18.47 -11.00
C THR C 110 5.16 17.90 -12.30
N VAL C 111 5.13 16.58 -12.48
CA VAL C 111 5.69 15.90 -13.70
C VAL C 111 4.52 15.39 -14.55
N THR C 112 4.62 15.60 -15.87
CA THR C 112 3.68 15.07 -16.90
C THR C 112 4.41 13.96 -17.66
N CYS C 113 3.84 12.75 -17.66
N CYS C 113 3.87 12.74 -17.64
CA CYS C 113 4.33 11.57 -18.43
CA CYS C 113 4.35 11.58 -18.44
C CYS C 113 3.47 11.40 -19.68
C CYS C 113 3.48 11.41 -19.68
N SER C 114 4.05 11.65 -20.87
CA SER C 114 3.42 11.43 -22.19
C SER C 114 3.90 10.08 -22.74
N THR C 115 2.97 9.18 -23.06
CA THR C 115 3.23 7.85 -23.66
C THR C 115 2.61 7.85 -25.06
N LYS C 116 3.43 7.77 -26.12
CA LYS C 116 2.99 7.71 -27.53
C LYS C 116 3.31 6.31 -28.09
N VAL C 117 2.27 5.54 -28.42
CA VAL C 117 2.41 4.25 -29.15
C VAL C 117 2.45 4.59 -30.64
N CYS C 118 3.48 4.08 -31.35
CA CYS C 118 3.75 4.41 -32.77
C CYS C 118 3.82 3.14 -33.61
N SER C 119 3.10 3.14 -34.73
CA SER C 119 3.12 2.08 -35.79
C SER C 119 3.64 2.70 -37.08
N PHE C 120 4.79 2.19 -37.58
CA PHE C 120 5.52 2.71 -38.77
C PHE C 120 5.85 4.21 -38.59
N GLY C 121 6.23 4.61 -37.37
CA GLY C 121 6.67 5.99 -37.05
C GLY C 121 5.53 6.98 -36.85
N LYS C 122 4.27 6.52 -36.94
CA LYS C 122 3.06 7.39 -36.82
C LYS C 122 2.37 7.08 -35.48
N GLN C 123 1.99 8.12 -34.74
CA GLN C 123 1.25 8.00 -33.45
C GLN C 123 -0.10 7.34 -33.72
N VAL C 124 -0.40 6.26 -32.99
N VAL C 124 -0.42 6.26 -32.99
CA VAL C 124 -1.70 5.52 -33.03
CA VAL C 124 -1.75 5.56 -33.06
C VAL C 124 -2.49 5.84 -31.76
C VAL C 124 -2.55 5.88 -31.79
N VAL C 125 -1.81 6.06 -30.63
N VAL C 125 -1.87 6.04 -30.64
CA VAL C 125 -2.44 6.43 -29.34
CA VAL C 125 -2.51 6.49 -29.38
C VAL C 125 -1.43 7.29 -28.56
C VAL C 125 -1.47 7.24 -28.53
N GLU C 126 -1.93 8.28 -27.82
CA GLU C 126 -1.15 9.03 -26.79
C GLU C 126 -1.92 8.96 -25.48
N LYS C 127 -1.24 8.64 -24.39
CA LYS C 127 -1.73 8.73 -22.99
C LYS C 127 -0.90 9.80 -22.26
N VAL C 128 -1.57 10.72 -21.58
CA VAL C 128 -0.94 11.80 -20.76
C VAL C 128 -1.38 11.60 -19.31
N GLU C 129 -0.41 11.51 -18.40
CA GLU C 129 -0.62 11.32 -16.94
C GLU C 129 0.22 12.35 -16.19
N THR C 130 -0.41 13.15 -15.34
CA THR C 130 0.25 14.12 -14.43
C THR C 130 0.39 13.47 -13.04
N GLU C 131 1.59 13.54 -12.46
CA GLU C 131 1.89 12.98 -11.12
C GLU C 131 2.48 14.07 -10.23
N TYR C 132 2.08 14.05 -8.95
CA TYR C 132 2.51 14.98 -7.89
C TYR C 132 3.33 14.17 -6.87
N ALA C 133 4.38 14.79 -6.33
CA ALA C 133 5.42 14.12 -5.53
C ALA C 133 4.82 13.65 -4.19
N ARG C 134 5.34 12.52 -3.69
N ARG C 134 5.35 12.53 -3.67
CA ARG C 134 5.18 12.03 -2.30
CA ARG C 134 5.18 12.09 -2.27
C ARG C 134 6.58 11.92 -1.69
C ARG C 134 6.57 11.91 -1.67
N PHE C 135 6.83 12.54 -0.53
CA PHE C 135 8.16 12.47 0.15
C PHE C 135 8.24 11.17 0.94
N GLU C 136 8.94 10.17 0.39
CA GLU C 136 9.02 8.77 0.90
C GLU C 136 10.49 8.35 0.94
N ASN C 137 10.96 7.87 2.09
CA ASN C 137 12.33 7.32 2.29
C ASN C 137 13.38 8.35 1.81
N GLY C 138 13.19 9.63 2.15
CA GLY C 138 14.19 10.70 1.98
C GLY C 138 14.31 11.22 0.57
N ARG C 139 13.26 11.10 -0.26
CA ARG C 139 13.23 11.61 -1.66
C ARG C 139 11.79 11.82 -2.11
N PHE C 140 11.60 12.64 -3.15
CA PHE C 140 10.29 12.85 -3.84
C PHE C 140 10.08 11.71 -4.84
N VAL C 141 8.97 10.99 -4.67
CA VAL C 141 8.60 9.78 -5.46
C VAL C 141 7.38 10.13 -6.33
N TYR C 142 7.43 9.75 -7.59
CA TYR C 142 6.35 9.91 -8.61
C TYR C 142 5.94 8.52 -9.08
N ARG C 143 4.78 8.03 -8.63
CA ARG C 143 4.28 6.65 -8.87
C ARG C 143 2.97 6.73 -9.67
N ILE C 144 2.98 6.19 -10.90
CA ILE C 144 1.75 5.81 -11.65
C ILE C 144 1.52 4.33 -11.35
N ASN C 145 0.53 4.03 -10.51
CA ASN C 145 0.22 2.66 -10.03
C ASN C 145 -0.90 2.08 -10.91
N ARG C 146 -0.63 0.98 -11.60
CA ARG C 146 -1.63 0.15 -12.32
C ARG C 146 -2.37 1.01 -13.35
N SER C 147 -1.64 1.75 -14.19
CA SER C 147 -2.20 2.47 -15.37
C SER C 147 -2.77 1.44 -16.34
N PRO C 148 -4.08 1.47 -16.67
CA PRO C 148 -4.68 0.44 -17.51
C PRO C 148 -4.16 0.55 -18.95
N MET C 149 -3.84 -0.60 -19.57
CA MET C 149 -3.43 -0.64 -21.00
C MET C 149 -4.63 -0.25 -21.86
N CYS C 150 -4.39 0.52 -22.92
CA CYS C 150 -5.40 0.87 -23.96
C CYS C 150 -5.72 -0.39 -24.76
N GLU C 151 -6.90 -0.42 -25.40
CA GLU C 151 -7.42 -1.58 -26.17
C GLU C 151 -6.45 -1.90 -27.31
N TYR C 152 -5.83 -0.88 -27.94
CA TYR C 152 -4.85 -1.05 -29.03
C TYR C 152 -3.74 -2.01 -28.59
N MET C 153 -3.18 -1.78 -27.39
CA MET C 153 -2.05 -2.57 -26.85
C MET C 153 -2.51 -3.97 -26.44
N ILE C 154 -3.70 -4.09 -25.84
CA ILE C 154 -4.28 -5.39 -25.40
C ILE C 154 -4.49 -6.26 -26.66
N ASN C 155 -5.11 -5.69 -27.69
N ASN C 155 -5.11 -5.68 -27.69
CA ASN C 155 -5.38 -6.36 -29.00
CA ASN C 155 -5.39 -6.35 -28.99
C ASN C 155 -4.06 -6.72 -29.68
C ASN C 155 -4.06 -6.73 -29.67
N PHE C 156 -3.07 -5.82 -29.65
CA PHE C 156 -1.73 -6.04 -30.26
C PHE C 156 -1.04 -7.26 -29.62
N ILE C 157 -1.05 -7.35 -28.28
CA ILE C 157 -0.45 -8.48 -27.52
C ILE C 157 -1.16 -9.79 -27.92
N HIS C 158 -2.49 -9.79 -28.00
CA HIS C 158 -3.32 -10.95 -28.45
C HIS C 158 -2.89 -11.41 -29.85
N LYS C 159 -2.78 -10.47 -30.79
CA LYS C 159 -2.47 -10.77 -32.23
C LYS C 159 -1.05 -11.34 -32.34
N LEU C 160 -0.07 -10.76 -31.62
CA LEU C 160 1.34 -11.26 -31.61
C LEU C 160 1.38 -12.71 -31.09
N LYS C 161 0.71 -12.98 -29.98
CA LYS C 161 0.72 -14.31 -29.30
C LYS C 161 0.03 -15.37 -30.17
N HIS C 162 -0.82 -14.98 -31.12
CA HIS C 162 -1.47 -15.89 -32.10
C HIS C 162 -0.46 -16.43 -33.12
N LEU C 163 0.67 -15.73 -33.34
CA LEU C 163 1.74 -16.18 -34.29
C LEU C 163 2.46 -17.39 -33.70
N PRO C 164 2.72 -18.46 -34.48
CA PRO C 164 3.31 -19.69 -33.95
C PRO C 164 4.83 -19.64 -33.65
N GLU C 165 5.55 -18.62 -34.12
CA GLU C 165 7.03 -18.50 -33.97
C GLU C 165 7.41 -17.09 -33.53
N LYS C 166 8.40 -16.98 -32.63
CA LYS C 166 8.90 -15.69 -32.07
C LYS C 166 9.53 -14.85 -33.19
N TYR C 167 10.20 -15.45 -34.17
CA TYR C 167 10.83 -14.70 -35.31
C TYR C 167 9.75 -13.94 -36.09
N MET C 168 8.54 -14.49 -36.18
CA MET C 168 7.38 -13.83 -36.86
C MET C 168 6.93 -12.62 -36.03
N MET C 169 6.88 -12.76 -34.71
CA MET C 169 6.52 -11.68 -33.75
C MET C 169 7.56 -10.56 -33.88
N ASN C 170 8.85 -10.89 -33.92
CA ASN C 170 9.98 -9.94 -34.05
C ASN C 170 9.85 -9.13 -35.34
N SER C 171 9.48 -9.79 -36.45
N SER C 171 9.48 -9.79 -36.45
CA SER C 171 9.26 -9.14 -37.77
CA SER C 171 9.26 -9.13 -37.78
C SER C 171 8.17 -8.06 -37.65
C SER C 171 8.18 -8.06 -37.65
N VAL C 172 7.04 -8.39 -37.02
CA VAL C 172 5.91 -7.43 -36.79
C VAL C 172 6.42 -6.27 -35.90
N LEU C 173 7.21 -6.57 -34.87
CA LEU C 173 7.67 -5.58 -33.86
C LEU C 173 8.71 -4.62 -34.44
N GLU C 174 9.33 -4.93 -35.59
CA GLU C 174 10.29 -4.01 -36.30
C GLU C 174 9.66 -2.62 -36.53
N ASN C 175 8.33 -2.52 -36.70
CA ASN C 175 7.62 -1.24 -37.00
C ASN C 175 6.76 -0.79 -35.82
N PHE C 176 7.02 -1.29 -34.62
CA PHE C 176 6.30 -0.92 -33.37
C PHE C 176 7.28 -0.24 -32.42
N THR C 177 6.96 0.97 -31.97
CA THR C 177 7.74 1.72 -30.95
C THR C 177 6.81 2.43 -29.96
N ILE C 178 7.36 2.76 -28.79
CA ILE C 178 6.70 3.60 -27.76
C ILE C 178 7.68 4.71 -27.39
N LEU C 179 7.21 5.96 -27.35
CA LEU C 179 7.99 7.13 -26.86
C LEU C 179 7.40 7.56 -25.51
N LEU C 180 8.22 7.47 -24.46
CA LEU C 180 7.90 7.98 -23.10
C LEU C 180 8.66 9.29 -22.90
N VAL C 181 7.93 10.38 -22.65
CA VAL C 181 8.49 11.73 -22.37
C VAL C 181 7.97 12.17 -21.00
N VAL C 182 8.87 12.32 -20.03
CA VAL C 182 8.54 12.88 -18.67
C VAL C 182 9.02 14.33 -18.66
N THR C 183 8.10 15.26 -18.41
CA THR C 183 8.31 16.74 -18.48
C THR C 183 7.97 17.35 -17.11
N ASN C 184 8.78 18.32 -16.67
CA ASN C 184 8.41 19.27 -15.58
C ASN C 184 7.28 20.15 -16.13
N ARG C 185 6.04 19.95 -15.65
CA ARG C 185 4.81 20.61 -16.17
C ARG C 185 4.93 22.14 -16.05
N ASP C 186 5.55 22.65 -14.99
CA ASP C 186 5.64 24.11 -14.68
C ASP C 186 6.64 24.79 -15.64
N THR C 187 7.85 24.23 -15.78
CA THR C 187 8.98 24.83 -16.57
C THR C 187 8.97 24.31 -18.02
N GLN C 188 8.28 23.20 -18.30
CA GLN C 188 8.23 22.49 -19.61
C GLN C 188 9.62 21.92 -19.99
N GLU C 189 10.51 21.71 -19.02
CA GLU C 189 11.82 21.04 -19.23
C GLU C 189 11.58 19.54 -19.41
N THR C 190 12.19 18.92 -20.42
CA THR C 190 12.27 17.45 -20.60
C THR C 190 13.15 16.89 -19.48
N LEU C 191 12.58 16.07 -18.60
CA LEU C 191 13.31 15.42 -17.46
C LEU C 191 13.91 14.10 -17.93
N LEU C 192 13.10 13.25 -18.57
CA LEU C 192 13.51 11.95 -19.15
C LEU C 192 12.75 11.70 -20.45
N CYS C 193 13.44 11.13 -21.44
CA CYS C 193 12.85 10.64 -22.71
C CYS C 193 13.38 9.23 -22.99
N MET C 194 12.47 8.27 -23.13
CA MET C 194 12.79 6.86 -23.48
C MET C 194 12.14 6.53 -24.82
N ALA C 195 12.96 6.37 -25.86
CA ALA C 195 12.58 5.79 -27.17
C ALA C 195 12.64 4.27 -27.03
N CYS C 196 11.49 3.59 -27.07
CA CYS C 196 11.38 2.14 -26.74
C CYS C 196 11.16 1.32 -28.02
N VAL C 197 12.01 0.31 -28.23
CA VAL C 197 11.90 -0.71 -29.31
C VAL C 197 11.76 -2.08 -28.66
N PHE C 198 11.14 -3.03 -29.36
CA PHE C 198 10.64 -4.30 -28.79
C PHE C 198 11.03 -5.49 -29.68
N GLU C 199 11.48 -6.56 -29.02
CA GLU C 199 11.54 -7.94 -29.54
C GLU C 199 10.88 -8.84 -28.51
N VAL C 200 10.64 -10.11 -28.85
CA VAL C 200 10.23 -11.18 -27.90
C VAL C 200 11.50 -11.86 -27.38
N SER C 201 11.54 -12.22 -26.10
CA SER C 201 12.74 -12.83 -25.45
C SER C 201 13.00 -14.23 -26.02
N ASN C 202 14.28 -14.56 -26.24
CA ASN C 202 14.79 -15.90 -26.63
C ASN C 202 14.65 -16.88 -25.46
N SER C 203 14.49 -16.38 -24.22
N SER C 203 14.49 -16.39 -24.22
CA SER C 203 14.27 -17.20 -23.00
CA SER C 203 14.27 -17.22 -23.01
C SER C 203 12.81 -17.71 -22.96
C SER C 203 12.82 -17.72 -22.97
N GLU C 204 12.60 -18.85 -22.29
CA GLU C 204 11.25 -19.47 -22.12
C GLU C 204 10.41 -18.64 -21.14
N HIS C 205 11.02 -18.06 -20.10
CA HIS C 205 10.32 -17.49 -18.91
C HIS C 205 10.90 -16.14 -18.44
N GLY C 206 11.79 -15.50 -19.21
CA GLY C 206 12.47 -14.24 -18.84
C GLY C 206 12.13 -13.05 -19.72
N ALA C 207 12.22 -11.84 -19.18
CA ALA C 207 12.26 -10.56 -19.95
C ALA C 207 13.64 -9.92 -19.76
N GLN C 208 14.16 -9.25 -20.80
CA GLN C 208 15.45 -8.53 -20.77
C GLN C 208 15.27 -7.11 -21.31
N HIS C 209 16.28 -6.25 -21.09
CA HIS C 209 16.35 -4.90 -21.66
C HIS C 209 17.82 -4.48 -21.83
N HIS C 210 18.07 -3.55 -22.75
CA HIS C 210 19.38 -2.91 -23.01
C HIS C 210 19.16 -1.41 -23.17
N ILE C 211 19.85 -0.60 -22.35
CA ILE C 211 19.71 0.89 -22.32
C ILE C 211 20.91 1.50 -23.06
N TYR C 212 20.65 2.48 -23.92
CA TYR C 212 21.66 3.27 -24.66
C TYR C 212 21.39 4.76 -24.48
N ARG C 213 22.46 5.58 -24.51
CA ARG C 213 22.35 7.07 -24.62
C ARG C 213 22.05 7.43 -26.08
N LEU C 214 21.19 8.42 -26.30
CA LEU C 214 20.94 9.01 -27.65
C LEU C 214 21.85 10.23 -27.81
N VAL C 215 22.61 10.27 -28.92
CA VAL C 215 23.59 11.34 -29.26
C VAL C 215 23.40 11.76 -30.72
N LYS C 216 24.09 12.83 -31.16
CA LYS C 216 24.10 13.33 -32.56
C LYS C 216 25.44 12.97 -33.22
N ARG D 2 -28.79 2.27 4.63
CA ARG D 2 -28.77 3.74 4.95
C ARG D 2 -27.43 4.33 4.51
N SER D 3 -27.05 4.12 3.24
CA SER D 3 -25.77 4.60 2.62
C SER D 3 -25.99 4.97 1.15
N ILE D 4 -24.96 5.55 0.54
CA ILE D 4 -24.96 5.92 -0.91
C ILE D 4 -24.60 4.65 -1.69
N GLY D 5 -25.60 3.96 -2.23
CA GLY D 5 -25.38 2.75 -3.04
C GLY D 5 -26.66 2.20 -3.65
N THR D 6 -26.52 1.47 -4.76
CA THR D 6 -27.56 0.64 -5.41
C THR D 6 -27.11 -0.83 -5.31
N THR D 7 -27.81 -1.74 -5.98
CA THR D 7 -27.40 -3.16 -6.14
C THR D 7 -26.19 -3.26 -7.08
N LYS D 8 -25.97 -2.25 -7.93
CA LYS D 8 -24.94 -2.25 -9.00
C LYS D 8 -23.65 -1.52 -8.57
N LEU D 9 -23.71 -0.56 -7.64
CA LEU D 9 -22.53 0.20 -7.17
C LEU D 9 -22.80 0.86 -5.81
N ARG D 10 -21.80 0.86 -4.93
CA ARG D 10 -21.85 1.44 -3.57
C ARG D 10 -20.61 2.33 -3.35
N LEU D 11 -20.80 3.53 -2.79
CA LEU D 11 -19.69 4.43 -2.36
C LEU D 11 -19.06 3.83 -1.10
N VAL D 12 -17.75 3.56 -1.14
CA VAL D 12 -16.95 3.00 -0.01
C VAL D 12 -16.26 4.16 0.73
N GLU D 13 -15.67 5.09 -0.02
CA GLU D 13 -14.95 6.28 0.53
C GLU D 13 -15.14 7.48 -0.40
N PHE D 14 -15.38 8.66 0.17
CA PHE D 14 -15.11 9.98 -0.45
C PHE D 14 -14.37 10.82 0.57
N SER D 15 -13.18 11.30 0.22
N SER D 15 -13.15 11.27 0.23
CA SER D 15 -12.26 12.06 1.11
CA SER D 15 -12.22 12.04 1.09
C SER D 15 -11.62 13.21 0.32
C SER D 15 -11.64 13.20 0.30
N ALA D 16 -11.84 14.45 0.77
CA ALA D 16 -11.19 15.66 0.24
C ALA D 16 -10.27 16.19 1.34
N PHE D 17 -9.00 16.44 1.01
CA PHE D 17 -7.92 16.61 2.01
C PHE D 17 -6.84 17.59 1.53
N LEU D 18 -6.03 18.01 2.50
CA LEU D 18 -4.79 18.81 2.33
C LEU D 18 -3.65 18.06 3.00
N GLU D 19 -2.64 17.68 2.22
CA GLU D 19 -1.35 17.13 2.71
C GLU D 19 -0.34 18.26 2.74
N GLN D 20 0.46 18.33 3.81
CA GLN D 20 1.53 19.34 3.98
C GLN D 20 2.80 18.64 4.48
N GLN D 21 3.89 18.81 3.74
CA GLN D 21 5.26 18.33 4.08
C GLN D 21 6.11 19.55 4.43
N ARG D 22 6.10 19.96 5.70
CA ARG D 22 6.81 21.16 6.20
C ARG D 22 8.32 21.00 6.02
N ASP D 23 8.84 19.80 6.27
CA ASP D 23 10.29 19.46 6.21
C ASP D 23 10.41 17.95 6.01
N PRO D 24 11.63 17.39 5.80
CA PRO D 24 11.79 15.93 5.65
C PRO D 24 11.26 15.05 6.80
N ASP D 25 11.07 15.61 8.00
CA ASP D 25 10.65 14.87 9.23
C ASP D 25 9.18 15.10 9.55
N SER D 26 8.46 15.95 8.80
CA SER D 26 7.12 16.48 9.19
C SER D 26 6.13 16.29 8.05
N TYR D 27 5.09 15.47 8.28
CA TYR D 27 3.96 15.24 7.35
C TYR D 27 2.65 15.40 8.12
N ASN D 28 1.69 16.07 7.51
CA ASN D 28 0.34 16.31 8.07
C ASN D 28 -0.68 16.07 6.97
N LYS D 29 -1.82 15.45 7.31
CA LYS D 29 -2.99 15.30 6.41
C LYS D 29 -4.23 15.77 7.15
N HIS D 30 -4.92 16.77 6.58
CA HIS D 30 -6.19 17.35 7.08
C HIS D 30 -7.32 16.95 6.14
N LEU D 31 -8.41 16.39 6.67
CA LEU D 31 -9.65 16.10 5.90
C LEU D 31 -10.61 17.29 6.00
N PHE D 32 -11.05 17.81 4.85
CA PHE D 32 -12.11 18.86 4.75
C PHE D 32 -13.48 18.21 4.88
N VAL D 33 -13.75 17.19 4.06
CA VAL D 33 -15.03 16.41 4.07
C VAL D 33 -14.69 14.93 3.92
N HIS D 34 -15.55 14.06 4.42
CA HIS D 34 -15.37 12.59 4.39
C HIS D 34 -16.73 11.87 4.46
N ILE D 35 -16.91 10.86 3.60
CA ILE D 35 -17.99 9.82 3.71
C ILE D 35 -17.29 8.46 3.75
N GLY D 36 -17.67 7.60 4.71
CA GLY D 36 -17.14 6.23 4.88
C GLY D 36 -18.07 5.17 4.30
N HIS D 37 -17.70 3.90 4.49
CA HIS D 37 -18.38 2.70 3.93
C HIS D 37 -19.60 2.32 4.76
N HIS D 38 -20.66 1.83 4.10
CA HIS D 38 -21.92 1.32 4.70
C HIS D 38 -21.62 0.40 5.89
N CYS D 39 -22.44 0.50 6.95
CA CYS D 39 -22.31 -0.29 8.21
C CYS D 39 -23.71 -0.68 8.71
N PRO D 40 -24.06 -1.98 8.76
CA PRO D 40 -25.32 -2.41 9.37
C PRO D 40 -25.42 -2.08 10.88
N PRO D 43 -33.12 3.75 10.80
CA PRO D 43 -34.36 3.99 10.05
C PRO D 43 -34.11 4.14 8.56
N PRO D 44 -35.17 4.08 7.72
CA PRO D 44 -35.03 4.29 6.28
C PRO D 44 -34.60 5.74 5.96
N LEU D 45 -33.86 5.91 4.85
CA LEU D 45 -33.22 7.18 4.47
C LEU D 45 -34.29 8.24 4.20
N GLU D 46 -34.10 9.46 4.67
CA GLU D 46 -35.01 10.61 4.43
C GLU D 46 -35.02 10.94 2.94
N SER D 47 -36.14 11.43 2.43
CA SER D 47 -36.35 11.81 1.01
C SER D 47 -36.38 13.35 0.88
N VAL D 48 -35.93 13.88 -0.27
CA VAL D 48 -35.96 15.33 -0.63
C VAL D 48 -36.47 15.43 -2.07
N ASP D 49 -37.37 16.37 -2.34
CA ASP D 49 -37.91 16.66 -3.70
C ASP D 49 -36.80 17.31 -4.51
N ILE D 50 -36.41 16.70 -5.64
CA ILE D 50 -35.31 17.14 -6.54
C ILE D 50 -35.61 18.54 -7.12
N ARG D 51 -36.88 18.92 -7.25
CA ARG D 51 -37.33 20.26 -7.71
C ARG D 51 -36.70 21.37 -6.85
N GLN D 52 -36.47 21.11 -5.56
CA GLN D 52 -35.86 22.07 -4.60
C GLN D 52 -34.41 22.43 -4.98
N ILE D 53 -33.69 21.54 -5.69
CA ILE D 53 -32.23 21.74 -6.03
C ILE D 53 -32.01 22.01 -7.53
N TYR D 54 -33.06 22.07 -8.35
N TYR D 54 -33.06 22.12 -8.34
CA TYR D 54 -32.99 22.28 -9.82
CA TYR D 54 -32.96 22.26 -9.82
C TYR D 54 -32.17 23.53 -10.16
C TYR D 54 -32.23 23.56 -10.21
N ASP D 55 -32.39 24.63 -9.43
CA ASP D 55 -31.69 25.93 -9.66
C ASP D 55 -30.21 25.84 -9.25
N LYS D 56 -29.84 24.89 -8.40
CA LYS D 56 -28.48 24.74 -7.83
C LYS D 56 -27.55 23.96 -8.77
N PHE D 57 -28.08 23.37 -9.86
CA PHE D 57 -27.28 22.56 -10.83
C PHE D 57 -27.65 22.95 -12.27
N PRO D 58 -26.79 22.65 -13.28
CA PRO D 58 -27.11 22.96 -14.68
C PRO D 58 -28.30 22.12 -15.17
N GLU D 59 -29.16 22.71 -16.01
CA GLU D 59 -30.42 22.10 -16.51
C GLU D 59 -30.56 22.31 -18.03
N LYS D 60 -29.47 22.21 -18.78
CA LYS D 60 -29.46 22.19 -20.28
C LYS D 60 -29.41 20.72 -20.71
N LYS D 61 -28.81 20.43 -21.88
CA LYS D 61 -28.57 19.04 -22.36
C LYS D 61 -27.56 18.36 -21.41
N GLY D 62 -27.92 17.19 -20.87
CA GLY D 62 -27.12 16.43 -19.88
C GLY D 62 -27.24 16.99 -18.48
N GLY D 63 -28.25 17.83 -18.21
CA GLY D 63 -28.50 18.46 -16.89
C GLY D 63 -29.14 17.48 -15.91
N LEU D 64 -29.31 17.91 -14.65
CA LEU D 64 -29.73 17.04 -13.51
C LEU D 64 -31.16 16.52 -13.74
N LYS D 65 -32.08 17.39 -14.20
CA LYS D 65 -33.50 17.03 -14.48
C LYS D 65 -33.54 15.94 -15.55
N GLU D 66 -32.81 16.14 -16.65
CA GLU D 66 -32.69 15.18 -17.79
C GLU D 66 -32.10 13.85 -17.27
N LEU D 67 -31.03 13.90 -16.48
CA LEU D 67 -30.36 12.71 -15.90
C LEU D 67 -31.33 11.96 -14.99
N PHE D 68 -32.01 12.66 -14.08
CA PHE D 68 -33.00 12.07 -13.12
C PHE D 68 -34.18 11.46 -13.88
N GLY D 69 -34.62 12.10 -14.97
CA GLY D 69 -35.69 11.62 -15.87
C GLY D 69 -35.35 10.26 -16.47
N LYS D 70 -34.13 10.10 -16.99
CA LYS D 70 -33.60 8.82 -17.56
C LYS D 70 -33.48 7.76 -16.45
N GLY D 71 -33.15 8.18 -15.22
CA GLY D 71 -33.12 7.28 -14.04
C GLY D 71 -31.91 6.34 -14.06
N PRO D 72 -31.88 5.26 -13.24
CA PRO D 72 -32.92 4.97 -12.26
C PRO D 72 -32.90 5.94 -11.07
N GLN D 73 -34.07 6.24 -10.51
CA GLN D 73 -34.25 7.26 -9.43
C GLN D 73 -33.52 6.85 -8.15
N ASN D 74 -33.38 5.53 -7.89
CA ASN D 74 -32.74 5.00 -6.66
C ASN D 74 -31.21 5.21 -6.69
N ALA D 75 -30.64 5.68 -7.80
CA ALA D 75 -29.20 6.02 -7.95
C ALA D 75 -28.90 7.46 -7.52
N PHE D 76 -29.92 8.29 -7.24
CA PHE D 76 -29.80 9.76 -7.03
C PHE D 76 -29.91 10.10 -5.54
N PHE D 77 -28.90 10.80 -5.03
CA PHE D 77 -28.75 11.18 -3.60
C PHE D 77 -28.40 12.67 -3.49
N LEU D 78 -28.95 13.34 -2.47
CA LEU D 78 -28.52 14.67 -2.00
C LEU D 78 -27.60 14.44 -0.80
N VAL D 79 -26.38 14.99 -0.85
CA VAL D 79 -25.37 14.93 0.25
C VAL D 79 -25.16 16.35 0.76
N LYS D 80 -25.56 16.61 2.00
CA LYS D 80 -25.23 17.86 2.75
C LYS D 80 -23.90 17.63 3.47
N PHE D 81 -22.89 18.45 3.18
CA PHE D 81 -21.55 18.40 3.83
C PHE D 81 -21.42 19.58 4.80
N TRP D 82 -20.84 19.31 5.98
CA TRP D 82 -20.22 20.32 6.86
C TRP D 82 -18.71 20.17 6.76
N ALA D 83 -18.05 21.10 6.08
CA ALA D 83 -16.59 21.07 5.80
C ALA D 83 -15.81 21.51 7.05
N ASP D 84 -14.72 20.79 7.35
CA ASP D 84 -13.74 21.15 8.40
C ASP D 84 -12.67 22.04 7.76
N LEU D 85 -12.70 23.34 8.05
CA LEU D 85 -11.71 24.33 7.55
C LEU D 85 -10.69 24.70 8.63
N ASN D 86 -10.71 24.02 9.78
N ASN D 86 -10.70 24.02 9.77
CA ASN D 86 -9.77 24.25 10.91
CA ASN D 86 -9.78 24.25 10.93
C ASN D 86 -8.43 23.59 10.56
C ASN D 86 -8.42 23.63 10.61
N CYS D 87 -7.61 24.29 9.78
N CYS D 87 -7.64 24.30 9.78
CA CYS D 87 -6.27 23.83 9.32
CA CYS D 87 -6.30 23.86 9.31
C CYS D 87 -5.39 25.06 9.03
C CYS D 87 -5.40 25.09 9.11
N ASN D 88 -4.10 24.95 9.36
CA ASN D 88 -3.09 26.02 9.13
C ASN D 88 -2.48 25.79 7.75
N ILE D 89 -2.90 26.57 6.75
CA ILE D 89 -2.32 26.55 5.39
C ILE D 89 -0.96 27.25 5.45
N GLN D 90 0.13 26.48 5.52
CA GLN D 90 1.53 26.98 5.59
C GLN D 90 2.00 27.45 4.21
N ASP D 91 3.18 28.09 4.17
CA ASP D 91 3.89 28.51 2.93
C ASP D 91 4.29 27.25 2.15
N ALA D 93 7.08 24.84 2.55
CA ALA D 93 6.21 23.69 2.91
C ALA D 93 5.33 23.29 1.73
N GLY D 94 5.69 22.23 1.01
CA GLY D 94 4.91 21.67 -0.12
C GLY D 94 3.53 21.24 0.33
N ALA D 95 2.49 21.80 -0.27
CA ALA D 95 1.06 21.48 -0.02
C ALA D 95 0.50 20.72 -1.22
N PHE D 96 -0.32 19.71 -0.96
CA PHE D 96 -1.09 18.97 -1.99
C PHE D 96 -2.56 18.91 -1.54
N TYR D 97 -3.45 19.46 -2.37
CA TYR D 97 -4.92 19.38 -2.23
C TYR D 97 -5.42 18.24 -3.11
N GLY D 98 -6.08 17.24 -2.51
CA GLY D 98 -6.47 16.01 -3.22
C GLY D 98 -7.87 15.54 -2.86
N VAL D 99 -8.44 14.71 -3.72
CA VAL D 99 -9.71 13.97 -3.47
C VAL D 99 -9.44 12.48 -3.76
N THR D 100 -9.76 11.62 -2.79
CA THR D 100 -9.71 10.14 -2.94
C THR D 100 -11.15 9.63 -2.84
N SER D 101 -11.55 8.78 -3.78
CA SER D 101 -12.88 8.14 -3.83
C SER D 101 -12.71 6.65 -4.13
N GLN D 102 -13.55 5.81 -3.51
CA GLN D 102 -13.60 4.34 -3.74
C GLN D 102 -15.05 3.90 -3.86
N TYR D 103 -15.36 3.09 -4.87
CA TYR D 103 -16.67 2.41 -5.08
C TYR D 103 -16.45 0.89 -5.12
N GLU D 104 -17.50 0.11 -4.82
CA GLU D 104 -17.46 -1.37 -4.89
C GLU D 104 -18.71 -1.88 -5.61
N SER D 105 -18.60 -3.03 -6.28
CA SER D 105 -19.70 -3.75 -6.99
C SER D 105 -19.43 -5.26 -7.03
N SER D 106 -20.48 -6.05 -7.24
CA SER D 106 -20.42 -7.51 -7.55
C SER D 106 -20.01 -7.70 -9.02
N GLU D 107 -20.30 -6.72 -9.89
CA GLU D 107 -20.03 -6.77 -11.36
C GLU D 107 -18.70 -6.10 -11.69
N ASN D 108 -18.02 -6.57 -12.74
CA ASN D 108 -16.83 -5.93 -13.37
C ASN D 108 -17.34 -5.05 -14.52
N MET D 109 -17.14 -3.73 -14.45
CA MET D 109 -17.51 -2.76 -15.53
C MET D 109 -16.46 -1.65 -15.63
N THR D 110 -16.42 -0.90 -16.74
CA THR D 110 -15.62 0.34 -16.91
C THR D 110 -16.50 1.50 -16.47
N VAL D 111 -16.18 2.17 -15.36
CA VAL D 111 -16.98 3.29 -14.78
C VAL D 111 -16.30 4.63 -15.12
N THR D 112 -17.09 5.62 -15.54
CA THR D 112 -16.69 7.03 -15.75
C THR D 112 -17.29 7.87 -14.61
N CYS D 113 -16.43 8.57 -13.87
N CYS D 113 -16.43 8.53 -13.83
CA CYS D 113 -16.81 9.51 -12.78
CA CYS D 113 -16.82 9.52 -12.79
C CYS D 113 -16.71 10.95 -13.32
C CYS D 113 -16.71 10.93 -13.37
N SER D 114 -17.85 11.63 -13.46
CA SER D 114 -17.95 13.06 -13.86
C SER D 114 -18.15 13.90 -12.59
N THR D 115 -17.26 14.87 -12.35
CA THR D 115 -17.31 15.82 -11.21
C THR D 115 -17.51 17.23 -11.79
N LYS D 116 -18.64 17.87 -11.49
CA LYS D 116 -18.98 19.24 -11.97
C LYS D 116 -19.05 20.16 -10.76
N VAL D 117 -18.12 21.13 -10.67
CA VAL D 117 -18.17 22.25 -9.69
C VAL D 117 -19.08 23.33 -10.29
N CYS D 118 -20.07 23.78 -9.52
CA CYS D 118 -21.13 24.71 -9.98
C CYS D 118 -21.22 25.93 -9.05
N SER D 119 -21.28 27.13 -9.65
CA SER D 119 -21.49 28.43 -8.96
C SER D 119 -22.76 29.08 -9.52
N PHE D 120 -23.76 29.29 -8.66
CA PHE D 120 -25.11 29.82 -9.02
C PHE D 120 -25.76 28.95 -10.11
N GLY D 121 -25.60 27.63 -10.01
CA GLY D 121 -26.23 26.65 -10.92
C GLY D 121 -25.54 26.53 -12.27
N LYS D 122 -24.42 27.20 -12.49
CA LYS D 122 -23.65 27.20 -13.75
C LYS D 122 -22.34 26.42 -13.53
N GLN D 123 -22.00 25.51 -14.46
CA GLN D 123 -20.74 24.74 -14.43
C GLN D 123 -19.55 25.71 -14.51
N VAL D 124 -18.62 25.61 -13.58
CA VAL D 124 -17.35 26.39 -13.53
C VAL D 124 -16.18 25.50 -14.00
N VAL D 125 -16.19 24.22 -13.64
CA VAL D 125 -15.18 23.22 -14.10
C VAL D 125 -15.84 21.83 -14.04
N GLU D 126 -15.50 20.98 -15.01
CA GLU D 126 -15.83 19.53 -15.01
C GLU D 126 -14.52 18.73 -15.08
N LYS D 127 -14.41 17.69 -14.25
CA LYS D 127 -13.31 16.69 -14.29
C LYS D 127 -13.94 15.33 -14.57
N VAL D 128 -13.41 14.61 -15.58
CA VAL D 128 -13.90 13.27 -16.02
C VAL D 128 -12.76 12.29 -15.81
N GLU D 129 -13.01 11.20 -15.06
CA GLU D 129 -12.03 10.14 -14.70
C GLU D 129 -12.66 8.77 -14.99
N THR D 130 -11.97 7.92 -15.76
CA THR D 130 -12.38 6.53 -16.08
C THR D 130 -11.61 5.58 -15.15
N GLU D 131 -12.29 4.62 -14.51
CA GLU D 131 -11.69 3.64 -13.57
C GLU D 131 -12.12 2.21 -13.94
N TYR D 132 -11.19 1.25 -13.79
CA TYR D 132 -11.37 -0.19 -14.08
C TYR D 132 -11.33 -0.96 -12.75
N ALA D 133 -12.05 -2.08 -12.68
CA ALA D 133 -12.26 -2.88 -11.45
C ALA D 133 -10.95 -3.53 -10.99
N ARG D 134 -10.82 -3.75 -9.67
CA ARG D 134 -9.74 -4.53 -9.01
C ARG D 134 -10.39 -5.44 -7.96
N PHE D 135 -10.16 -6.75 -8.02
CA PHE D 135 -10.79 -7.75 -7.13
C PHE D 135 -10.04 -7.77 -5.80
N GLU D 136 -10.65 -7.19 -4.75
CA GLU D 136 -10.08 -7.10 -3.38
C GLU D 136 -11.11 -7.56 -2.35
N ASN D 137 -10.76 -8.51 -1.48
CA ASN D 137 -11.58 -8.97 -0.33
C ASN D 137 -12.99 -9.36 -0.80
N GLY D 138 -13.09 -10.09 -1.93
CA GLY D 138 -14.32 -10.74 -2.41
C GLY D 138 -15.30 -9.78 -3.06
N ARG D 139 -14.81 -8.68 -3.65
CA ARG D 139 -15.65 -7.70 -4.39
C ARG D 139 -14.78 -6.90 -5.38
N PHE D 140 -15.41 -6.33 -6.41
CA PHE D 140 -14.72 -5.48 -7.42
C PHE D 140 -14.68 -4.04 -6.89
N VAL D 141 -13.49 -3.43 -6.84
CA VAL D 141 -13.21 -2.09 -6.20
C VAL D 141 -12.74 -1.12 -7.29
N TYR D 142 -13.26 0.12 -7.26
CA TYR D 142 -12.95 1.23 -8.20
C TYR D 142 -12.41 2.41 -7.40
N ARG D 143 -11.11 2.71 -7.52
CA ARG D 143 -10.38 3.72 -6.71
C ARG D 143 -9.81 4.82 -7.60
N ILE D 144 -10.26 6.06 -7.40
CA ILE D 144 -9.56 7.30 -7.85
C ILE D 144 -8.73 7.77 -6.66
N ASN D 145 -7.41 7.56 -6.71
CA ASN D 145 -6.49 7.84 -5.57
C ASN D 145 -5.79 9.18 -5.84
N ARG D 146 -5.91 10.12 -4.90
CA ARG D 146 -5.15 11.40 -4.85
C ARG D 146 -5.38 12.19 -6.15
N SER D 147 -6.64 12.36 -6.56
CA SER D 147 -7.03 13.27 -7.67
C SER D 147 -6.72 14.70 -7.24
N PRO D 148 -5.84 15.45 -7.96
CA PRO D 148 -5.46 16.79 -7.52
C PRO D 148 -6.64 17.76 -7.64
N MET D 149 -6.82 18.63 -6.65
CA MET D 149 -7.84 19.71 -6.71
C MET D 149 -7.41 20.71 -7.81
N CYS D 150 -8.37 21.21 -8.57
CA CYS D 150 -8.17 22.32 -9.54
C CYS D 150 -7.91 23.61 -8.77
N GLU D 151 -7.25 24.57 -9.42
CA GLU D 151 -6.84 25.86 -8.81
C GLU D 151 -8.10 26.63 -8.34
N TYR D 152 -9.21 26.52 -9.07
CA TYR D 152 -10.51 27.15 -8.71
C TYR D 152 -10.88 26.76 -7.26
N MET D 153 -10.82 25.46 -6.96
CA MET D 153 -11.22 24.91 -5.63
C MET D 153 -10.21 25.31 -4.55
N ILE D 154 -8.91 25.29 -4.86
CA ILE D 154 -7.83 25.70 -3.91
C ILE D 154 -8.04 27.18 -3.55
N ASN D 155 -8.27 28.03 -4.56
CA ASN D 155 -8.51 29.49 -4.39
C ASN D 155 -9.81 29.72 -3.60
N PHE D 156 -10.87 28.96 -3.90
CA PHE D 156 -12.19 29.04 -3.23
C PHE D 156 -12.03 28.75 -1.72
N ILE D 157 -11.31 27.68 -1.37
CA ILE D 157 -11.06 27.27 0.05
C ILE D 157 -10.28 28.40 0.75
N HIS D 158 -9.25 28.96 0.10
CA HIS D 158 -8.44 30.11 0.61
C HIS D 158 -9.36 31.31 0.92
N LYS D 159 -10.24 31.67 -0.01
CA LYS D 159 -11.14 32.84 0.11
C LYS D 159 -12.13 32.63 1.27
N LEU D 160 -12.71 31.43 1.39
CA LEU D 160 -13.64 31.10 2.51
C LEU D 160 -12.93 31.25 3.86
N LYS D 161 -11.72 30.68 3.99
CA LYS D 161 -10.93 30.67 5.26
C LYS D 161 -10.51 32.09 5.66
N HIS D 162 -10.46 33.04 4.71
CA HIS D 162 -10.15 34.47 4.98
C HIS D 162 -11.31 35.16 5.71
N LEU D 163 -12.54 34.65 5.61
CA LEU D 163 -13.73 35.26 6.24
C LEU D 163 -13.67 35.02 7.75
N PRO D 164 -13.88 36.06 8.59
CA PRO D 164 -13.73 35.90 10.05
C PRO D 164 -14.87 35.16 10.78
N GLU D 165 -16.03 34.97 10.14
CA GLU D 165 -17.25 34.40 10.78
C GLU D 165 -17.77 33.26 9.91
N LYS D 166 -18.22 32.17 10.54
CA LYS D 166 -18.72 30.95 9.86
C LYS D 166 -20.02 31.27 9.11
N TYR D 167 -20.87 32.16 9.63
CA TYR D 167 -22.14 32.57 8.98
C TYR D 167 -21.84 33.19 7.61
N MET D 168 -20.71 33.91 7.48
CA MET D 168 -20.27 34.53 6.20
C MET D 168 -19.85 33.42 5.22
N MET D 169 -19.15 32.39 5.71
CA MET D 169 -18.71 31.24 4.87
C MET D 169 -19.95 30.49 4.37
N ASN D 170 -20.93 30.26 5.25
CA ASN D 170 -22.20 29.54 4.90
C ASN D 170 -22.97 30.33 3.85
N SER D 171 -23.00 31.67 3.95
CA SER D 171 -23.67 32.59 2.99
C SER D 171 -23.06 32.39 1.59
N VAL D 172 -21.73 32.39 1.49
CA VAL D 172 -20.99 32.16 0.21
C VAL D 172 -21.34 30.76 -0.32
N LEU D 173 -21.39 29.75 0.56
CA LEU D 173 -21.58 28.33 0.17
C LEU D 173 -23.02 28.05 -0.28
N GLU D 174 -23.99 28.94 0.00
CA GLU D 174 -25.40 28.81 -0.47
C GLU D 174 -25.46 28.66 -2.00
N ASN D 175 -24.50 29.25 -2.73
CA ASN D 175 -24.49 29.30 -4.22
C ASN D 175 -23.39 28.38 -4.79
N PHE D 176 -22.78 27.53 -3.97
CA PHE D 176 -21.71 26.58 -4.38
C PHE D 176 -22.24 25.14 -4.26
N THR D 177 -22.15 24.36 -5.35
CA THR D 177 -22.55 22.93 -5.37
C THR D 177 -21.56 22.11 -6.21
N ILE D 178 -21.53 20.79 -5.98
CA ILE D 178 -20.74 19.81 -6.77
C ILE D 178 -21.70 18.68 -7.16
N LEU D 179 -21.71 18.30 -8.44
CA LEU D 179 -22.49 17.15 -8.96
C LEU D 179 -21.50 16.04 -9.34
N LEU D 180 -21.59 14.90 -8.65
CA LEU D 180 -20.81 13.66 -8.93
C LEU D 180 -21.74 12.67 -9.63
N VAL D 181 -21.41 12.25 -10.85
CA VAL D 181 -22.19 11.26 -11.66
C VAL D 181 -21.23 10.11 -12.03
N VAL D 182 -21.49 8.91 -11.51
CA VAL D 182 -20.73 7.67 -11.86
C VAL D 182 -21.59 6.90 -12.88
N THR D 183 -21.05 6.67 -14.08
CA THR D 183 -21.73 6.04 -15.24
C THR D 183 -20.97 4.78 -15.66
N ASN D 184 -21.69 3.71 -16.00
CA ASN D 184 -21.16 2.55 -16.76
C ASN D 184 -20.83 3.06 -18.17
N ARG D 185 -19.55 3.19 -18.50
CA ARG D 185 -19.05 3.82 -19.76
C ARG D 185 -19.59 3.08 -20.99
N ASP D 186 -19.74 1.75 -20.93
CA ASP D 186 -20.14 0.90 -22.08
C ASP D 186 -21.64 1.06 -22.35
N THR D 187 -22.49 0.92 -21.33
CA THR D 187 -23.98 0.94 -21.43
C THR D 187 -24.53 2.37 -21.27
N GLN D 188 -23.74 3.30 -20.74
CA GLN D 188 -24.10 4.73 -20.44
C GLN D 188 -25.17 4.79 -19.32
N GLU D 189 -25.31 3.73 -18.50
CA GLU D 189 -26.28 3.69 -17.38
C GLU D 189 -25.71 4.50 -16.22
N THR D 190 -26.52 5.38 -15.62
CA THR D 190 -26.19 6.12 -14.37
C THR D 190 -26.18 5.09 -13.22
N LEU D 191 -25.02 4.90 -12.59
CA LEU D 191 -24.84 3.95 -11.46
C LEU D 191 -25.10 4.69 -10.15
N LEU D 192 -24.48 5.86 -9.97
CA LEU D 192 -24.66 6.75 -8.79
C LEU D 192 -24.63 8.21 -9.24
N CYS D 193 -25.49 9.02 -8.62
CA CYS D 193 -25.49 10.50 -8.73
C CYS D 193 -25.57 11.10 -7.32
N MET D 194 -24.58 11.95 -6.97
CA MET D 194 -24.53 12.69 -5.69
C MET D 194 -24.57 14.19 -5.98
N ALA D 195 -25.68 14.85 -5.65
CA ALA D 195 -25.82 16.32 -5.64
C ALA D 195 -25.31 16.80 -4.28
N CYS D 196 -24.20 17.55 -4.27
CA CYS D 196 -23.48 17.94 -3.02
C CYS D 196 -23.72 19.42 -2.73
N VAL D 197 -24.19 19.72 -1.51
CA VAL D 197 -24.35 21.09 -0.94
C VAL D 197 -23.46 21.18 0.31
N PHE D 198 -23.05 22.39 0.68
CA PHE D 198 -21.94 22.65 1.63
C PHE D 198 -22.34 23.72 2.65
N GLU D 199 -22.00 23.45 3.91
CA GLU D 199 -21.84 24.43 5.02
C GLU D 199 -20.47 24.18 5.64
N VAL D 200 -20.05 25.05 6.57
N VAL D 200 -20.03 25.05 6.56
CA VAL D 200 -18.81 24.87 7.38
CA VAL D 200 -18.80 24.85 7.37
C VAL D 200 -19.23 24.26 8.72
C VAL D 200 -19.21 24.29 8.73
N SER D 201 -18.44 23.32 9.24
CA SER D 201 -18.69 22.66 10.54
C SER D 201 -18.40 23.64 11.68
N ASN D 202 -19.21 23.62 12.73
CA ASN D 202 -18.94 24.26 14.05
C ASN D 202 -18.60 23.21 15.11
N SER D 203 -18.62 21.92 14.74
CA SER D 203 -18.49 20.75 15.65
C SER D 203 -17.02 20.54 16.04
N GLU D 204 -16.78 19.99 17.24
CA GLU D 204 -15.44 19.60 17.74
C GLU D 204 -14.97 18.33 17.01
N HIS D 205 -15.89 17.42 16.67
CA HIS D 205 -15.63 16.16 15.91
C HIS D 205 -15.10 16.46 14.49
N GLY D 206 -15.44 17.63 13.93
CA GLY D 206 -14.90 18.13 12.64
C GLY D 206 -15.92 18.01 11.53
N ALA D 207 -15.58 17.32 10.44
CA ALA D 207 -16.41 17.20 9.21
C ALA D 207 -17.60 16.29 9.48
N GLN D 208 -18.78 16.66 8.95
CA GLN D 208 -20.05 15.89 9.08
C GLN D 208 -20.73 15.84 7.71
N HIS D 209 -21.72 14.96 7.57
CA HIS D 209 -22.55 14.81 6.35
C HIS D 209 -23.93 14.24 6.71
N HIS D 210 -24.92 14.56 5.89
CA HIS D 210 -26.30 14.02 5.96
C HIS D 210 -26.74 13.64 4.54
N ILE D 211 -27.15 12.39 4.35
CA ILE D 211 -27.51 11.80 3.03
C ILE D 211 -29.04 11.72 2.93
N TYR D 212 -29.60 12.10 1.78
CA TYR D 212 -31.04 12.03 1.46
C TYR D 212 -31.22 11.37 0.09
N ARG D 213 -32.33 10.66 -0.11
CA ARG D 213 -32.79 10.16 -1.43
C ARG D 213 -33.41 11.32 -2.21
N LEU D 214 -33.14 11.41 -3.51
CA LEU D 214 -33.80 12.40 -4.41
C LEU D 214 -35.02 11.73 -5.06
N VAL D 215 -36.19 12.36 -4.94
CA VAL D 215 -37.49 11.86 -5.46
C VAL D 215 -38.21 12.99 -6.21
N LYS D 216 -39.26 12.65 -6.96
CA LYS D 216 -40.27 13.60 -7.48
C LYS D 216 -41.60 13.34 -6.75
N ASP D 217 -42.43 14.37 -6.62
CA ASP D 217 -43.80 14.29 -6.03
C ASP D 217 -44.83 14.73 -7.08
#